data_4X4O
#
_entry.id   4X4O
#
_cell.length_a   111.059
_cell.length_b   215.602
_cell.length_c   58.629
_cell.angle_alpha   90.000
_cell.angle_beta   90.000
_cell.angle_gamma   90.000
#
_symmetry.space_group_name_H-M   'P 21 21 2'
#
loop_
_entity.id
_entity.type
_entity.pdbx_description
1 polymer 'CCA-adding enzyme'
2 polymer 'G70A tRNA minihelix'
3 non-polymer "CYTIDINE-5'-TRIPHOSPHATE"
4 non-polymer 'MANGANESE (II) ION'
5 water water
#
loop_
_entity_poly.entity_id
_entity_poly.type
_entity_poly.pdbx_seq_one_letter_code
_entity_poly.pdbx_strand_id
1 'polypeptide(L)'
;MKVEEILEKALELVIPDEEEVRKGREAEEELRRRLDELGVEYVFVGSYARNTWLKGSLEIDVFLLFPEEFSKEELRERGL
EIGKAVLDSYEIRYAEHPYVHGVVKGVEVDVVPCYKLKEPKNIKSAVDRTPFHHKWLEGRIKGKENEVRLLKGFLKANGI
YGAEYKVRGFSGYLCELLIVFYGSFLETVKNARRWTRRTVIDVAKGEVRKGEEFFVVDPVDEKRNVAANLSLDNLARFVH
LCREFMEAPSLGFFKPKHPLEIEPERLRKIVEERGTAVFAVKFRKPDIVDDNLYPQLERASRKIFEFLERENFMPLRSAF
KASEEFCYLLFECQIKEISRVFRRMGPQFEDERNVKKFLSRNRAFRPFIENGRWWAFEMRKFTTPEEGVRSYASTHWHTL
GKNVGESIREYFEIISGEKLFKEPVTAELCEMMGVKDSNSSSVDKLAAALEHHHHHH
;
A,C
2 'polyribonucleotide' GGCCGCGGCAGGUUCGAAUCCUGCCGCGAUCGCC B,D
#
# COMPACT_ATOMS: atom_id res chain seq x y z
N MET A 1 -3.74 31.90 41.26
CA MET A 1 -2.91 31.19 40.25
C MET A 1 -2.50 29.80 40.75
N LYS A 2 -3.04 29.40 41.89
CA LYS A 2 -2.79 28.07 42.43
C LYS A 2 -3.74 27.10 41.74
N VAL A 3 -3.63 25.81 42.04
CA VAL A 3 -4.42 24.81 41.33
C VAL A 3 -5.92 24.98 41.53
N GLU A 4 -6.35 25.26 42.76
CA GLU A 4 -7.78 25.34 43.07
C GLU A 4 -8.31 26.78 42.97
N GLU A 5 -7.38 27.73 42.87
CA GLU A 5 -7.71 29.15 42.83
C GLU A 5 -8.23 29.60 41.46
N ILE A 6 -7.95 28.80 40.42
CA ILE A 6 -8.34 29.15 39.06
C ILE A 6 -9.82 28.86 38.81
N LEU A 7 -10.37 27.86 39.49
CA LEU A 7 -11.78 27.55 39.31
C LEU A 7 -12.67 28.67 39.83
N GLU A 8 -12.11 29.53 40.67
CA GLU A 8 -12.85 30.68 41.19
C GLU A 8 -12.87 31.83 40.19
N LYS A 9 -11.72 32.11 39.58
CA LYS A 9 -11.62 33.20 38.62
C LYS A 9 -12.26 32.85 37.29
N ALA A 10 -12.52 31.56 37.09
CA ALA A 10 -13.18 31.06 35.88
C ALA A 10 -14.68 31.35 35.91
N LEU A 11 -15.22 31.45 37.13
CA LEU A 11 -16.64 31.72 37.33
C LEU A 11 -17.03 33.10 36.82
N GLU A 12 -16.05 33.96 36.56
CA GLU A 12 -16.35 35.28 36.02
C GLU A 12 -16.84 35.18 34.57
N LEU A 13 -16.25 34.25 33.83
CA LEU A 13 -16.58 34.06 32.42
C LEU A 13 -17.76 33.14 32.17
N VAL A 14 -17.99 32.16 33.05
CA VAL A 14 -19.04 31.17 32.83
C VAL A 14 -20.38 31.47 33.51
N ILE A 15 -20.38 32.38 34.48
CA ILE A 15 -21.61 32.72 35.21
C ILE A 15 -22.20 34.05 34.69
N PRO A 16 -23.52 34.07 34.41
CA PRO A 16 -24.14 35.29 33.89
C PRO A 16 -24.12 36.48 34.84
N ASP A 17 -23.74 37.65 34.33
CA ASP A 17 -23.78 38.89 35.12
C ASP A 17 -25.22 39.36 35.31
N GLU A 18 -25.44 40.25 36.26
CA GLU A 18 -26.79 40.69 36.63
C GLU A 18 -27.50 41.43 35.48
N GLU A 19 -26.72 41.97 34.55
CA GLU A 19 -27.31 42.66 33.40
C GLU A 19 -28.05 41.67 32.51
N GLU A 20 -27.51 40.47 32.40
CA GLU A 20 -28.09 39.43 31.56
C GLU A 20 -29.26 38.73 32.23
N VAL A 21 -29.13 38.44 33.53
CA VAL A 21 -30.15 37.70 34.24
C VAL A 21 -31.46 38.47 34.22
N ARG A 22 -31.38 39.79 34.35
CA ARG A 22 -32.56 40.65 34.29
C ARG A 22 -33.24 40.53 32.92
N LYS A 23 -32.43 40.62 31.87
CA LYS A 23 -32.93 40.53 30.49
C LYS A 23 -33.69 39.23 30.26
N GLY A 24 -33.25 38.17 30.93
CA GLY A 24 -33.89 36.87 30.81
C GLY A 24 -35.19 36.77 31.60
N ARG A 25 -35.15 37.20 32.85
CA ARG A 25 -36.32 37.12 33.72
C ARG A 25 -37.43 38.02 33.21
N GLU A 26 -37.06 39.10 32.53
CA GLU A 26 -38.03 40.00 31.94
C GLU A 26 -38.68 39.34 30.71
N ALA A 27 -37.91 38.55 29.98
CA ALA A 27 -38.41 37.83 28.82
C ALA A 27 -39.30 36.66 29.22
N GLU A 28 -38.92 35.97 30.30
CA GLU A 28 -39.72 34.85 30.83
C GLU A 28 -41.07 35.36 31.31
N GLU A 29 -41.06 36.55 31.92
CA GLU A 29 -42.27 37.15 32.47
C GLU A 29 -43.21 37.56 31.33
N GLU A 30 -42.61 37.83 30.17
CA GLU A 30 -43.36 38.21 28.97
C GLU A 30 -43.94 36.99 28.25
N LEU A 31 -43.17 35.91 28.20
CA LEU A 31 -43.62 34.69 27.54
C LEU A 31 -44.83 34.09 28.23
N ARG A 32 -44.77 34.06 29.56
CA ARG A 32 -45.86 33.52 30.36
C ARG A 32 -47.11 34.37 30.23
N ARG A 33 -46.93 35.67 30.03
CA ARG A 33 -48.05 36.56 29.82
C ARG A 33 -48.81 36.16 28.55
N ARG A 34 -48.05 35.81 27.52
CA ARG A 34 -48.61 35.44 26.23
C ARG A 34 -49.12 33.99 26.21
N LEU A 35 -48.36 33.09 26.81
CA LEU A 35 -48.73 31.67 26.85
C LEU A 35 -49.97 31.40 27.68
N ASP A 36 -50.10 32.10 28.81
CA ASP A 36 -51.25 31.92 29.69
C ASP A 36 -52.51 32.54 29.08
N GLU A 37 -52.33 33.57 28.27
CA GLU A 37 -53.45 34.24 27.62
C GLU A 37 -54.09 33.35 26.56
N LEU A 38 -53.32 32.41 26.02
CA LEU A 38 -53.80 31.46 25.03
C LEU A 38 -54.30 30.18 25.71
N GLY A 39 -54.00 30.05 27.00
CA GLY A 39 -54.44 28.89 27.76
C GLY A 39 -53.93 27.59 27.18
N VAL A 40 -52.62 27.47 27.07
CA VAL A 40 -51.99 26.25 26.55
C VAL A 40 -51.14 25.62 27.62
N GLU A 41 -51.13 24.28 27.66
CA GLU A 41 -50.32 23.56 28.61
C GLU A 41 -48.87 23.58 28.12
N TYR A 42 -48.00 24.21 28.90
CA TYR A 42 -46.59 24.34 28.53
C TYR A 42 -45.69 24.06 29.74
N VAL A 43 -44.40 23.87 29.46
CA VAL A 43 -43.41 23.67 30.52
C VAL A 43 -42.07 24.28 30.08
N PHE A 44 -41.44 25.02 31.00
CA PHE A 44 -40.12 25.59 30.76
C PHE A 44 -39.02 24.57 31.05
N VAL A 45 -38.21 24.28 30.03
CA VAL A 45 -37.12 23.30 30.15
C VAL A 45 -35.82 23.93 29.69
N GLY A 46 -34.77 23.11 29.58
CA GLY A 46 -33.49 23.57 29.10
C GLY A 46 -32.64 24.16 30.20
N SER A 47 -31.59 24.87 29.80
CA SER A 47 -30.62 25.40 30.76
C SER A 47 -31.16 26.60 31.52
N TYR A 48 -32.15 27.28 30.95
CA TYR A 48 -32.69 28.47 31.58
C TYR A 48 -33.55 28.12 32.79
N ALA A 49 -34.32 27.05 32.67
CA ALA A 49 -35.18 26.61 33.77
C ALA A 49 -34.34 26.22 34.99
N ARG A 50 -33.25 25.51 34.74
CA ARG A 50 -32.38 25.02 35.81
C ARG A 50 -31.25 26.01 36.15
N ASN A 51 -31.26 27.16 35.49
CA ASN A 51 -30.26 28.21 35.73
C ASN A 51 -28.82 27.73 35.49
N THR A 52 -28.61 26.92 34.46
CA THR A 52 -27.29 26.42 34.10
C THR A 52 -26.70 27.06 32.84
N TRP A 53 -27.36 28.09 32.31
CA TRP A 53 -26.94 28.67 31.03
C TRP A 53 -25.64 29.49 31.16
N LEU A 54 -24.81 29.41 30.13
CA LEU A 54 -23.51 30.10 30.10
C LEU A 54 -23.65 31.62 29.93
N LYS A 55 -22.66 32.36 30.43
CA LYS A 55 -22.65 33.81 30.26
C LYS A 55 -22.50 34.17 28.78
N GLY A 56 -23.28 35.16 28.35
CA GLY A 56 -23.22 35.62 26.97
C GLY A 56 -23.92 34.68 26.01
N SER A 57 -24.50 33.62 26.56
CA SER A 57 -25.37 32.72 25.79
C SER A 57 -26.68 32.51 26.53
N LEU A 58 -27.73 33.17 26.04
CA LEU A 58 -29.04 33.09 26.68
C LEU A 58 -30.04 32.51 25.70
N GLU A 59 -30.51 31.30 26.00
CA GLU A 59 -31.44 30.58 25.14
C GLU A 59 -32.51 29.90 25.99
N ILE A 60 -33.76 30.31 25.81
CA ILE A 60 -34.87 29.80 26.61
C ILE A 60 -35.65 28.73 25.86
N ASP A 61 -35.58 27.50 26.37
CA ASP A 61 -36.32 26.39 25.79
C ASP A 61 -37.72 26.28 26.40
N VAL A 62 -38.73 26.17 25.55
CA VAL A 62 -40.11 26.03 25.98
C VAL A 62 -40.80 24.91 25.19
N PHE A 63 -41.39 23.97 25.92
CA PHE A 63 -42.08 22.83 25.31
C PHE A 63 -43.59 22.96 25.43
N LEU A 64 -44.31 22.42 24.44
CA LEU A 64 -45.77 22.44 24.44
C LEU A 64 -46.32 21.03 24.60
N LEU A 65 -47.17 20.85 25.60
CA LEU A 65 -47.71 19.55 25.97
C LEU A 65 -49.08 19.30 25.36
N PHE A 66 -49.18 18.30 24.48
CA PHE A 66 -50.44 17.98 23.79
C PHE A 66 -50.96 16.58 24.12
N PRO A 67 -52.29 16.38 24.04
CA PRO A 67 -52.88 15.04 24.24
C PRO A 67 -52.36 13.99 23.27
N GLU A 68 -52.43 12.72 23.66
CA GLU A 68 -51.86 11.64 22.85
C GLU A 68 -52.64 11.41 21.55
N GLU A 69 -53.92 11.81 21.53
CA GLU A 69 -54.79 11.51 20.39
C GLU A 69 -54.62 12.50 19.24
N PHE A 70 -53.84 13.56 19.47
CA PHE A 70 -53.53 14.51 18.41
C PHE A 70 -52.66 13.82 17.37
N SER A 71 -52.97 14.05 16.09
CA SER A 71 -52.19 13.46 15.01
C SER A 71 -50.81 14.08 14.95
N LYS A 72 -49.88 13.41 14.28
CA LYS A 72 -48.54 13.95 14.10
C LYS A 72 -48.61 15.24 13.31
N GLU A 73 -49.64 15.38 12.48
CA GLU A 73 -49.87 16.58 11.68
C GLU A 73 -50.48 17.68 12.54
N GLU A 74 -51.46 17.29 13.36
CA GLU A 74 -52.17 18.23 14.22
C GLU A 74 -51.25 18.81 15.27
N LEU A 75 -50.34 17.97 15.78
CA LEU A 75 -49.36 18.42 16.74
C LEU A 75 -48.47 19.49 16.15
N ARG A 76 -47.98 19.25 14.94
CA ARG A 76 -47.08 20.20 14.28
C ARG A 76 -47.77 21.52 14.00
N GLU A 77 -48.90 21.47 13.30
CA GLU A 77 -49.56 22.70 12.87
C GLU A 77 -50.01 23.59 14.03
N ARG A 78 -50.55 23.00 15.09
CA ARG A 78 -50.95 23.80 16.24
C ARG A 78 -49.75 24.24 17.06
N GLY A 79 -48.72 23.39 17.08
CA GLY A 79 -47.48 23.71 17.77
C GLY A 79 -46.80 24.91 17.17
N LEU A 80 -46.64 24.89 15.85
CA LEU A 80 -46.04 26.00 15.13
C LEU A 80 -46.90 27.25 15.28
N GLU A 81 -48.22 27.07 15.26
CA GLU A 81 -49.15 28.18 15.29
C GLU A 81 -49.01 28.97 16.59
N ILE A 82 -48.90 28.26 17.70
CA ILE A 82 -48.71 28.91 19.00
C ILE A 82 -47.38 29.64 19.02
N GLY A 83 -46.35 28.98 18.52
CA GLY A 83 -45.02 29.56 18.48
C GLY A 83 -44.98 30.87 17.71
N LYS A 84 -45.66 30.92 16.57
CA LYS A 84 -45.66 32.10 15.73
C LYS A 84 -46.36 33.29 16.40
N ALA A 85 -47.49 33.03 17.06
CA ALA A 85 -48.29 34.08 17.67
C ALA A 85 -47.68 34.58 18.98
N VAL A 86 -46.75 33.80 19.53
CA VAL A 86 -46.10 34.13 20.80
C VAL A 86 -44.88 35.02 20.60
N LEU A 87 -43.99 34.62 19.71
CA LEU A 87 -42.73 35.32 19.50
C LEU A 87 -42.92 36.61 18.70
N ASP A 88 -42.07 37.61 18.96
CA ASP A 88 -42.14 38.90 18.28
C ASP A 88 -41.79 38.77 16.80
N SER A 89 -40.61 38.23 16.53
CA SER A 89 -40.21 37.86 15.18
C SER A 89 -39.74 36.41 15.20
N TYR A 90 -40.14 35.64 14.19
CA TYR A 90 -39.88 34.21 14.16
C TYR A 90 -39.33 33.71 12.83
N GLU A 91 -38.66 32.57 12.89
CA GLU A 91 -38.18 31.88 11.70
C GLU A 91 -38.32 30.38 11.92
N ILE A 92 -39.08 29.72 11.06
CA ILE A 92 -39.27 28.28 11.21
C ILE A 92 -38.41 27.49 10.24
N ARG A 93 -37.42 26.80 10.78
CA ARG A 93 -36.63 25.86 9.99
C ARG A 93 -36.31 24.66 10.90
N TYR A 94 -36.67 23.45 10.46
CA TYR A 94 -36.41 22.26 11.26
C TYR A 94 -35.85 21.10 10.43
N ALA A 95 -35.57 19.99 11.10
CA ALA A 95 -35.14 18.77 10.43
C ALA A 95 -35.92 17.53 10.90
N GLU A 96 -35.63 17.04 12.10
CA GLU A 96 -36.26 15.81 12.59
C GLU A 96 -37.65 16.05 13.17
N HIS A 97 -37.85 17.22 13.76
CA HIS A 97 -39.09 17.54 14.47
C HIS A 97 -39.37 19.03 14.39
N PRO A 98 -40.64 19.41 14.31
CA PRO A 98 -40.94 20.83 14.10
C PRO A 98 -40.69 21.67 15.35
N TYR A 99 -40.18 22.88 15.15
CA TYR A 99 -40.04 23.84 16.24
C TYR A 99 -40.00 25.26 15.67
N VAL A 100 -40.12 26.25 16.55
CA VAL A 100 -40.16 27.65 16.15
C VAL A 100 -39.05 28.43 16.83
N HIS A 101 -38.16 29.01 16.03
CA HIS A 101 -37.11 29.87 16.55
C HIS A 101 -37.51 31.33 16.36
N GLY A 102 -37.19 32.16 17.34
CA GLY A 102 -37.52 33.57 17.26
C GLY A 102 -36.86 34.42 18.33
N VAL A 103 -37.37 35.64 18.49
CA VAL A 103 -36.83 36.60 19.44
C VAL A 103 -37.95 37.19 20.31
N VAL A 104 -37.72 37.25 21.62
CA VAL A 104 -38.64 37.91 22.54
C VAL A 104 -37.89 38.89 23.44
N LYS A 105 -38.12 40.17 23.20
CA LYS A 105 -37.42 41.23 23.94
C LYS A 105 -35.91 41.02 23.90
N GLY A 106 -35.40 40.69 22.71
CA GLY A 106 -33.97 40.60 22.50
C GLY A 106 -33.32 39.28 22.83
N VAL A 107 -34.08 38.34 23.41
CA VAL A 107 -33.56 37.02 23.72
C VAL A 107 -34.16 35.97 22.80
N GLU A 108 -33.41 34.91 22.53
CA GLU A 108 -33.84 33.86 21.63
C GLU A 108 -34.70 32.84 22.38
N VAL A 109 -35.79 32.42 21.75
CA VAL A 109 -36.71 31.44 22.35
C VAL A 109 -36.95 30.28 21.40
N ASP A 110 -36.99 29.07 21.95
CA ASP A 110 -37.33 27.86 21.20
C ASP A 110 -38.64 27.25 21.69
N VAL A 111 -39.63 27.18 20.79
CA VAL A 111 -40.93 26.58 21.08
C VAL A 111 -41.07 25.23 20.39
N VAL A 112 -41.02 24.15 21.17
CA VAL A 112 -41.03 22.79 20.64
C VAL A 112 -42.30 22.04 21.06
N PRO A 113 -43.09 21.56 20.08
CA PRO A 113 -44.26 20.73 20.44
C PRO A 113 -43.91 19.29 20.80
N CYS A 114 -44.61 18.72 21.78
CA CYS A 114 -44.47 17.29 22.11
C CYS A 114 -45.71 16.76 22.81
N TYR A 115 -45.64 15.50 23.25
CA TYR A 115 -46.76 14.85 23.95
C TYR A 115 -46.59 14.87 25.47
N LYS A 116 -47.70 15.03 26.19
CA LYS A 116 -47.70 14.86 27.65
C LYS A 116 -47.98 13.40 27.98
N LEU A 117 -46.98 12.74 28.56
CA LEU A 117 -47.04 11.32 28.81
C LEU A 117 -46.72 11.01 30.27
N LYS A 118 -47.39 10.00 30.82
CA LYS A 118 -47.07 9.50 32.15
C LYS A 118 -46.28 8.21 32.01
N GLU A 119 -45.21 8.13 32.80
CA GLU A 119 -44.15 7.14 32.66
C GLU A 119 -43.41 7.38 31.34
N PRO A 120 -42.07 7.22 31.34
CA PRO A 120 -41.35 7.40 30.07
C PRO A 120 -41.30 6.15 29.21
N LYS A 121 -42.06 5.12 29.56
CA LYS A 121 -41.89 3.81 28.93
C LYS A 121 -42.24 3.82 27.45
N ASN A 122 -43.51 4.01 27.11
CA ASN A 122 -43.90 4.14 25.71
C ASN A 122 -43.87 5.61 25.31
N ILE A 123 -42.83 5.97 24.55
CA ILE A 123 -42.67 7.32 24.02
C ILE A 123 -42.57 7.25 22.51
N LYS A 124 -43.36 8.09 21.85
CA LYS A 124 -43.56 8.00 20.41
C LYS A 124 -42.41 8.63 19.62
N SER A 125 -42.24 9.94 19.79
CA SER A 125 -41.18 10.67 19.09
C SER A 125 -39.91 10.75 19.93
N ALA A 126 -38.90 11.45 19.43
CA ALA A 126 -37.65 11.64 20.14
C ALA A 126 -37.67 12.88 21.04
N VAL A 127 -38.62 13.77 20.79
CA VAL A 127 -38.73 15.01 21.56
C VAL A 127 -39.48 14.81 22.88
N ASP A 128 -40.18 13.69 23.00
CA ASP A 128 -41.00 13.42 24.18
C ASP A 128 -40.15 13.11 25.41
N ARG A 129 -38.84 13.01 25.21
CA ARG A 129 -37.91 12.71 26.30
C ARG A 129 -37.69 13.90 27.23
N THR A 130 -37.78 15.11 26.68
CA THR A 130 -37.35 16.32 27.39
C THR A 130 -38.18 16.63 28.64
N PRO A 131 -39.51 16.47 28.57
CA PRO A 131 -40.29 16.72 29.79
C PRO A 131 -39.86 15.83 30.97
N PHE A 132 -39.44 14.61 30.69
CA PHE A 132 -38.96 13.71 31.74
C PHE A 132 -37.54 14.08 32.18
N HIS A 133 -36.77 14.66 31.28
CA HIS A 133 -35.43 15.13 31.62
C HIS A 133 -35.49 16.24 32.67
N HIS A 134 -36.34 17.23 32.42
CA HIS A 134 -36.46 18.36 33.34
C HIS A 134 -37.01 17.89 34.70
N LYS A 135 -38.00 17.01 34.66
CA LYS A 135 -38.60 16.47 35.88
C LYS A 135 -37.55 15.78 36.73
N TRP A 136 -36.78 14.90 36.10
CA TRP A 136 -35.79 14.11 36.80
C TRP A 136 -34.60 14.96 37.29
N LEU A 137 -34.21 15.95 36.50
CA LEU A 137 -32.99 16.71 36.77
C LEU A 137 -33.14 17.86 37.76
N GLU A 138 -34.26 18.57 37.70
CA GLU A 138 -34.41 19.81 38.47
C GLU A 138 -34.31 19.55 39.97
N GLY A 139 -34.64 18.34 40.39
CA GLY A 139 -34.59 17.97 41.80
C GLY A 139 -33.17 17.69 42.25
N ARG A 140 -32.39 17.05 41.38
CA ARG A 140 -31.03 16.63 41.74
C ARG A 140 -29.97 17.65 41.36
N ILE A 141 -30.30 18.56 40.45
CA ILE A 141 -29.32 19.52 39.93
C ILE A 141 -29.36 20.84 40.69
N LYS A 142 -30.38 21.02 41.52
CA LYS A 142 -30.54 22.27 42.26
C LYS A 142 -29.37 22.50 43.21
N GLY A 143 -28.73 23.66 43.08
CA GLY A 143 -27.59 24.03 43.92
C GLY A 143 -26.24 23.74 43.30
N LYS A 144 -26.20 22.81 42.36
CA LYS A 144 -24.95 22.42 41.71
C LYS A 144 -24.81 23.07 40.32
N GLU A 145 -25.74 23.97 40.01
CA GLU A 145 -25.81 24.60 38.68
C GLU A 145 -24.51 25.30 38.29
N ASN A 146 -23.75 25.76 39.28
CA ASN A 146 -22.51 26.46 39.01
C ASN A 146 -21.40 25.51 38.56
N GLU A 147 -21.49 24.26 39.01
CA GLU A 147 -20.54 23.23 38.59
C GLU A 147 -20.82 22.81 37.15
N VAL A 148 -22.10 22.91 36.75
CA VAL A 148 -22.49 22.61 35.39
C VAL A 148 -22.00 23.70 34.45
N ARG A 149 -22.11 24.95 34.90
CA ARG A 149 -21.60 26.08 34.12
C ARG A 149 -20.09 25.96 33.91
N LEU A 150 -19.41 25.36 34.88
CA LEU A 150 -17.96 25.16 34.75
C LEU A 150 -17.64 24.12 33.68
N LEU A 151 -18.31 22.97 33.73
CA LEU A 151 -18.08 21.88 32.78
C LEU A 151 -18.42 22.29 31.35
N LYS A 152 -19.57 22.92 31.20
CA LYS A 152 -20.01 23.39 29.89
C LYS A 152 -19.02 24.43 29.36
N GLY A 153 -18.70 25.42 30.18
CA GLY A 153 -17.77 26.46 29.79
C GLY A 153 -16.40 25.91 29.45
N PHE A 154 -16.02 24.84 30.12
CA PHE A 154 -14.75 24.17 29.84
C PHE A 154 -14.76 23.54 28.45
N LEU A 155 -15.86 22.88 28.10
CA LEU A 155 -15.98 22.21 26.81
C LEU A 155 -16.14 23.19 25.66
N LYS A 156 -17.03 24.16 25.82
CA LYS A 156 -17.34 25.12 24.76
C LYS A 156 -16.11 25.96 24.40
N ALA A 157 -15.29 26.25 25.41
CA ALA A 157 -14.07 27.04 25.19
C ALA A 157 -13.10 26.25 24.33
N ASN A 158 -13.22 24.93 24.38
CA ASN A 158 -12.41 24.02 23.57
C ASN A 158 -13.16 23.53 22.33
N GLY A 159 -14.37 24.05 22.13
CA GLY A 159 -15.14 23.81 20.91
C GLY A 159 -15.73 22.42 20.77
N ILE A 160 -15.72 21.64 21.85
CA ILE A 160 -16.32 20.31 21.87
C ILE A 160 -17.66 20.27 22.63
N TYR A 161 -18.30 21.41 22.84
CA TYR A 161 -19.58 21.43 23.56
C TYR A 161 -20.82 21.11 22.73
N GLY A 162 -20.84 21.45 21.45
CA GLY A 162 -22.02 21.17 20.64
C GLY A 162 -22.31 19.68 20.50
N ALA A 163 -23.60 19.32 20.53
CA ALA A 163 -24.00 17.92 20.36
C ALA A 163 -24.43 17.68 18.91
N GLU A 164 -24.51 18.76 18.14
CA GLU A 164 -24.90 18.70 16.74
C GLU A 164 -23.79 18.06 15.92
N TYR A 165 -24.01 17.89 14.63
CA TYR A 165 -23.04 17.20 13.79
C TYR A 165 -21.87 18.12 13.43
N LYS A 166 -22.04 19.41 13.67
CA LYS A 166 -20.97 20.36 13.42
C LYS A 166 -19.87 20.22 14.47
N VAL A 167 -20.15 19.46 15.52
CA VAL A 167 -19.23 19.30 16.64
C VAL A 167 -19.02 17.83 17.04
N ARG A 168 -20.13 17.14 17.30
CA ARG A 168 -20.13 15.75 17.78
C ARG A 168 -19.50 15.65 19.17
N GLY A 169 -19.91 16.55 20.06
CA GLY A 169 -19.40 16.60 21.42
C GLY A 169 -20.41 16.20 22.48
N PHE A 170 -20.24 16.75 23.67
CA PHE A 170 -21.12 16.45 24.81
C PHE A 170 -22.34 17.36 24.81
N SER A 171 -23.54 16.78 24.78
CA SER A 171 -24.76 17.58 24.87
C SER A 171 -24.90 18.20 26.26
N GLY A 172 -25.63 19.31 26.34
CA GLY A 172 -25.81 20.01 27.60
C GLY A 172 -26.51 19.13 28.62
N TYR A 173 -27.29 18.18 28.14
CA TYR A 173 -27.99 17.24 29.00
C TYR A 173 -27.00 16.25 29.61
N LEU A 174 -25.98 15.90 28.84
CA LEU A 174 -24.92 15.01 29.31
C LEU A 174 -24.05 15.70 30.35
N CYS A 175 -23.87 17.02 30.19
CA CYS A 175 -23.08 17.81 31.14
C CYS A 175 -23.73 17.78 32.51
N GLU A 176 -25.04 17.95 32.54
CA GLU A 176 -25.79 17.93 33.79
C GLU A 176 -25.79 16.53 34.39
N LEU A 177 -25.81 15.51 33.53
CA LEU A 177 -25.77 14.13 34.01
C LEU A 177 -24.42 13.74 34.59
N LEU A 178 -23.37 14.47 34.20
CA LEU A 178 -22.04 14.23 34.74
C LEU A 178 -21.83 14.90 36.10
N ILE A 179 -22.31 16.14 36.23
CA ILE A 179 -22.17 16.87 37.49
C ILE A 179 -22.97 16.20 38.60
N VAL A 180 -24.11 15.60 38.25
CA VAL A 180 -24.92 14.88 39.23
C VAL A 180 -24.22 13.60 39.67
N PHE A 181 -23.51 12.95 38.75
CA PHE A 181 -22.89 11.66 39.00
C PHE A 181 -21.58 11.78 39.77
N TYR A 182 -20.78 12.80 39.45
CA TYR A 182 -19.49 13.00 40.09
C TYR A 182 -19.50 14.14 41.11
N GLY A 183 -20.62 14.87 41.17
CA GLY A 183 -20.85 15.84 42.23
C GLY A 183 -20.28 17.23 41.98
N SER A 184 -19.24 17.33 41.18
CA SER A 184 -18.60 18.62 40.92
C SER A 184 -17.76 18.58 39.66
N PHE A 185 -17.40 19.75 39.15
CA PHE A 185 -16.55 19.86 37.97
C PHE A 185 -15.19 19.23 38.16
N LEU A 186 -14.53 19.57 39.27
CA LEU A 186 -13.18 19.10 39.53
C LEU A 186 -13.13 17.58 39.61
N GLU A 187 -14.12 16.99 40.29
CA GLU A 187 -14.20 15.55 40.44
C GLU A 187 -14.58 14.87 39.13
N THR A 188 -15.40 15.55 38.33
CA THR A 188 -15.82 15.02 37.03
C THR A 188 -14.62 14.88 36.11
N VAL A 189 -13.73 15.86 36.15
CA VAL A 189 -12.52 15.85 35.31
C VAL A 189 -11.62 14.67 35.66
N LYS A 190 -11.49 14.38 36.95
CA LYS A 190 -10.59 13.33 37.43
C LYS A 190 -10.88 11.96 36.82
N ASN A 191 -12.10 11.46 37.01
CA ASN A 191 -12.44 10.12 36.52
C ASN A 191 -12.47 10.03 35.00
N ALA A 192 -12.66 11.17 34.35
CA ALA A 192 -12.77 11.22 32.90
C ALA A 192 -11.43 10.98 32.21
N ARG A 193 -10.34 10.96 32.99
CA ARG A 193 -9.02 10.68 32.44
C ARG A 193 -8.82 9.18 32.25
N ARG A 194 -9.59 8.39 32.98
CA ARG A 194 -9.53 6.93 32.90
C ARG A 194 -10.63 6.37 31.99
N TRP A 195 -11.37 7.25 31.34
CA TRP A 195 -12.38 6.82 30.36
C TRP A 195 -11.73 6.08 29.20
N THR A 196 -12.37 4.98 28.80
CA THR A 196 -12.00 4.27 27.59
C THR A 196 -13.16 4.30 26.61
N ARG A 197 -12.97 3.69 25.44
CA ARG A 197 -14.00 3.65 24.43
C ARG A 197 -15.07 2.62 24.78
N ARG A 198 -14.79 1.81 25.79
CA ARG A 198 -15.71 0.77 26.24
C ARG A 198 -16.43 1.12 27.55
N THR A 199 -16.20 2.34 28.05
CA THR A 199 -16.79 2.76 29.32
C THR A 199 -18.31 2.87 29.22
N VAL A 200 -19.00 2.22 30.15
CA VAL A 200 -20.45 2.34 30.26
C VAL A 200 -20.80 3.00 31.59
N ILE A 201 -21.34 4.22 31.53
CA ILE A 201 -21.73 4.95 32.73
C ILE A 201 -23.26 4.91 32.91
N ASP A 202 -23.70 4.16 33.92
CA ASP A 202 -25.13 4.09 34.26
C ASP A 202 -25.39 4.98 35.47
N VAL A 203 -25.99 6.14 35.22
CA VAL A 203 -26.20 7.13 36.26
C VAL A 203 -27.29 6.69 37.22
N ALA A 204 -28.32 6.04 36.68
CA ALA A 204 -29.48 5.63 37.46
C ALA A 204 -29.11 4.75 38.65
N LYS A 205 -28.23 3.78 38.43
CA LYS A 205 -27.83 2.84 39.47
C LYS A 205 -26.55 3.28 40.17
N GLY A 206 -26.03 4.44 39.79
CA GLY A 206 -24.80 4.95 40.36
C GLY A 206 -23.61 4.04 40.07
N GLU A 207 -23.75 3.26 39.01
CA GLU A 207 -22.78 2.23 38.64
C GLU A 207 -22.10 2.56 37.33
N VAL A 208 -20.83 2.22 37.22
CA VAL A 208 -20.09 2.28 35.97
C VAL A 208 -19.62 0.87 35.65
N ARG A 209 -19.97 0.37 34.48
CA ARG A 209 -19.55 -0.97 34.05
C ARG A 209 -18.83 -0.86 32.71
N LYS A 210 -18.50 -2.01 32.12
CA LYS A 210 -17.83 -2.05 30.82
C LYS A 210 -18.77 -2.65 29.78
N GLY A 211 -18.52 -2.30 28.51
CA GLY A 211 -19.43 -2.69 27.45
C GLY A 211 -18.80 -2.61 26.06
N GLU A 212 -19.65 -2.53 25.04
CA GLU A 212 -19.20 -2.52 23.65
C GLU A 212 -18.60 -1.17 23.26
N GLU A 213 -19.33 -0.09 23.54
CA GLU A 213 -18.89 1.26 23.19
C GLU A 213 -19.07 2.22 24.36
N PHE A 214 -18.53 3.44 24.21
CA PHE A 214 -18.73 4.48 25.21
C PHE A 214 -20.22 4.77 25.33
N PHE A 215 -20.77 4.51 26.50
CA PHE A 215 -22.22 4.49 26.69
C PHE A 215 -22.62 5.17 27.99
N VAL A 216 -23.32 6.29 27.88
CA VAL A 216 -23.92 6.94 29.05
C VAL A 216 -25.40 6.63 29.05
N VAL A 217 -25.83 5.89 30.06
CA VAL A 217 -27.22 5.46 30.14
C VAL A 217 -28.09 6.58 30.74
N ASP A 218 -29.17 6.89 30.05
CA ASP A 218 -30.12 7.90 30.49
C ASP A 218 -30.87 7.38 31.72
N PRO A 219 -30.94 8.18 32.81
CA PRO A 219 -31.73 7.70 33.95
C PRO A 219 -33.18 7.43 33.57
N VAL A 220 -33.67 8.19 32.60
CA VAL A 220 -35.03 8.03 32.08
C VAL A 220 -35.07 6.85 31.09
N ASP A 221 -33.94 6.56 30.47
CA ASP A 221 -33.87 5.59 29.40
C ASP A 221 -32.69 4.64 29.52
N GLU A 222 -32.98 3.37 29.80
CA GLU A 222 -31.92 2.40 30.04
C GLU A 222 -31.29 1.91 28.74
N LYS A 223 -32.07 1.91 27.66
CA LYS A 223 -31.60 1.41 26.36
C LYS A 223 -31.14 2.49 25.37
N ARG A 224 -31.16 3.74 25.79
CA ARG A 224 -30.75 4.85 24.91
C ARG A 224 -29.43 5.45 25.39
N ASN A 225 -28.50 5.63 24.46
CA ASN A 225 -27.19 6.19 24.77
C ASN A 225 -27.19 7.72 24.72
N VAL A 226 -26.93 8.35 25.86
CA VAL A 226 -26.88 9.81 25.95
C VAL A 226 -25.68 10.38 25.19
N ALA A 227 -24.59 9.62 25.17
CA ALA A 227 -23.35 10.06 24.52
C ALA A 227 -23.23 9.55 23.08
N ALA A 228 -24.34 9.07 22.53
CA ALA A 228 -24.36 8.41 21.22
C ALA A 228 -23.64 9.20 20.13
N ASN A 229 -23.88 10.50 20.07
CA ASN A 229 -23.33 11.32 19.00
C ASN A 229 -21.99 11.93 19.35
N LEU A 230 -21.43 11.54 20.50
CA LEU A 230 -20.10 11.96 20.88
C LEU A 230 -19.08 11.21 20.05
N SER A 231 -18.28 11.95 19.27
CA SER A 231 -17.30 11.31 18.41
C SER A 231 -16.17 10.72 19.26
N LEU A 232 -15.55 9.66 18.75
CA LEU A 232 -14.45 9.03 19.45
C LEU A 232 -13.27 9.99 19.52
N ASP A 233 -13.14 10.83 18.51
CA ASP A 233 -12.04 11.80 18.45
C ASP A 233 -12.17 12.87 19.53
N ASN A 234 -13.38 13.40 19.68
CA ASN A 234 -13.63 14.41 20.70
C ASN A 234 -13.65 13.80 22.10
N LEU A 235 -14.01 12.53 22.19
CA LEU A 235 -13.92 11.80 23.45
C LEU A 235 -12.47 11.74 23.91
N ALA A 236 -11.58 11.42 22.98
CA ALA A 236 -10.16 11.33 23.28
C ALA A 236 -9.60 12.70 23.65
N ARG A 237 -10.02 13.74 22.91
CA ARG A 237 -9.54 15.09 23.18
C ARG A 237 -9.94 15.53 24.59
N PHE A 238 -11.14 15.15 25.00
CA PHE A 238 -11.61 15.48 26.34
C PHE A 238 -10.73 14.77 27.37
N VAL A 239 -10.58 13.46 27.22
CA VAL A 239 -9.72 12.67 28.10
C VAL A 239 -8.33 13.32 28.19
N HIS A 240 -7.81 13.77 27.06
CA HIS A 240 -6.48 14.37 27.00
C HIS A 240 -6.45 15.72 27.71
N LEU A 241 -7.46 16.55 27.46
CA LEU A 241 -7.53 17.88 28.07
C LEU A 241 -7.69 17.78 29.58
N CYS A 242 -8.32 16.70 30.05
CA CYS A 242 -8.47 16.47 31.48
C CYS A 242 -7.12 16.18 32.12
N ARG A 243 -6.29 15.41 31.42
CA ARG A 243 -4.95 15.07 31.90
C ARG A 243 -4.05 16.31 31.95
N GLU A 244 -4.20 17.19 30.98
CA GLU A 244 -3.38 18.39 30.90
C GLU A 244 -3.83 19.44 31.92
N PHE A 245 -5.07 19.31 32.37
CA PHE A 245 -5.61 20.22 33.38
C PHE A 245 -5.16 19.83 34.78
N MET A 246 -5.31 18.56 35.14
CA MET A 246 -4.95 18.10 36.47
C MET A 246 -3.47 18.22 36.75
N GLU A 247 -2.64 17.85 35.77
CA GLU A 247 -1.19 17.94 35.91
C GLU A 247 -0.72 19.39 36.06
N ALA A 248 -1.27 20.26 35.21
CA ALA A 248 -0.90 21.67 35.22
C ALA A 248 -2.12 22.55 34.91
N PRO A 249 -2.94 22.82 35.92
CA PRO A 249 -4.14 23.66 35.75
C PRO A 249 -3.81 25.05 35.22
N SER A 250 -4.73 25.63 34.47
CA SER A 250 -4.51 26.95 33.89
C SER A 250 -5.83 27.67 33.60
N LEU A 251 -5.75 28.98 33.42
CA LEU A 251 -6.92 29.79 33.11
C LEU A 251 -7.18 29.86 31.61
N GLY A 252 -6.28 29.26 30.82
CA GLY A 252 -6.43 29.23 29.38
C GLY A 252 -7.44 28.20 28.89
N PHE A 253 -7.72 27.21 29.73
CA PHE A 253 -8.65 26.13 29.38
C PHE A 253 -10.10 26.61 29.27
N PHE A 254 -10.41 27.71 29.95
CA PHE A 254 -11.76 28.29 29.93
C PHE A 254 -11.87 29.50 29.01
N LYS A 255 -10.77 29.82 28.33
CA LYS A 255 -10.71 30.99 27.46
C LYS A 255 -10.91 30.62 25.98
N PRO A 256 -11.77 31.35 25.27
CA PRO A 256 -11.90 31.15 23.82
C PRO A 256 -10.53 31.28 23.16
N LYS A 257 -10.28 30.49 22.11
CA LYS A 257 -8.95 30.44 21.52
C LYS A 257 -8.80 31.39 20.35
N HIS A 258 -7.59 31.43 19.80
CA HIS A 258 -7.26 32.36 18.73
C HIS A 258 -7.85 31.90 17.40
N PRO A 259 -8.21 32.85 16.51
CA PRO A 259 -8.69 32.45 15.18
C PRO A 259 -7.62 31.77 14.34
N LEU A 260 -6.37 31.84 14.79
CA LEU A 260 -5.23 31.34 14.02
C LEU A 260 -5.16 32.06 12.68
N GLU A 261 -5.08 33.39 12.75
CA GLU A 261 -5.05 34.21 11.54
C GLU A 261 -3.68 34.14 10.88
N ILE A 262 -3.64 33.50 9.72
CA ILE A 262 -2.41 33.37 8.94
C ILE A 262 -2.58 34.10 7.62
N GLU A 263 -1.67 35.03 7.34
CA GLU A 263 -1.71 35.78 6.09
C GLU A 263 -1.56 34.81 4.91
N PRO A 264 -2.21 35.11 3.78
CA PRO A 264 -2.17 34.18 2.63
C PRO A 264 -0.76 33.95 2.08
N GLU A 265 0.19 34.80 2.46
CA GLU A 265 1.58 34.62 2.03
C GLU A 265 2.29 33.59 2.91
N ARG A 266 2.08 33.67 4.22
CA ARG A 266 2.70 32.74 5.15
C ARG A 266 2.20 31.32 4.93
N LEU A 267 0.90 31.18 4.64
CA LEU A 267 0.31 29.87 4.44
C LEU A 267 0.94 29.18 3.24
N ARG A 268 1.16 29.96 2.18
CA ARG A 268 1.83 29.45 0.99
C ARG A 268 3.22 28.93 1.35
N LYS A 269 3.89 29.62 2.26
CA LYS A 269 5.24 29.25 2.68
C LYS A 269 5.21 27.93 3.44
N ILE A 270 4.14 27.71 4.20
CA ILE A 270 3.97 26.47 4.96
C ILE A 270 3.78 25.29 4.01
N VAL A 271 2.90 25.43 3.03
CA VAL A 271 2.63 24.38 2.07
C VAL A 271 3.90 24.00 1.30
N GLU A 272 4.71 25.00 0.99
CA GLU A 272 5.99 24.76 0.31
C GLU A 272 6.94 23.93 1.16
N GLU A 273 7.06 24.28 2.44
CA GLU A 273 7.95 23.59 3.37
C GLU A 273 7.47 22.17 3.63
N ARG A 274 6.16 21.97 3.51
CA ARG A 274 5.57 20.63 3.63
C ARG A 274 5.78 19.85 2.34
N GLY A 275 5.69 20.56 1.21
CA GLY A 275 5.89 19.97 -0.10
C GLY A 275 4.78 19.02 -0.51
N THR A 276 3.56 19.33 -0.06
CA THR A 276 2.39 18.48 -0.31
C THR A 276 1.42 19.16 -1.27
N ALA A 277 0.58 18.36 -1.89
CA ALA A 277 -0.46 18.89 -2.76
C ALA A 277 -1.68 19.28 -1.94
N VAL A 278 -2.00 20.56 -1.93
CA VAL A 278 -3.16 21.08 -1.20
C VAL A 278 -4.15 21.69 -2.18
N PHE A 279 -5.35 21.13 -2.22
CA PHE A 279 -6.40 21.59 -3.12
C PHE A 279 -7.77 21.48 -2.45
N ALA A 280 -8.77 22.11 -3.06
CA ALA A 280 -10.12 22.13 -2.49
C ALA A 280 -11.19 21.95 -3.58
N VAL A 281 -12.29 21.31 -3.20
CA VAL A 281 -13.44 21.19 -4.09
C VAL A 281 -14.48 22.21 -3.67
N LYS A 282 -14.70 23.21 -4.51
CA LYS A 282 -15.62 24.30 -4.21
C LYS A 282 -16.95 24.14 -4.93
N PHE A 283 -18.06 24.32 -4.21
CA PHE A 283 -19.38 24.26 -4.82
C PHE A 283 -20.39 25.10 -4.03
N ARG A 284 -21.52 25.40 -4.64
CA ARG A 284 -22.56 26.18 -3.99
C ARG A 284 -23.10 25.46 -2.76
N LYS A 285 -23.24 26.19 -1.67
CA LYS A 285 -23.78 25.62 -0.44
C LYS A 285 -25.26 25.29 -0.63
N PRO A 286 -25.64 24.01 -0.44
CA PRO A 286 -27.08 23.72 -0.47
C PRO A 286 -27.80 24.46 0.66
N ASP A 287 -28.99 24.97 0.40
CA ASP A 287 -29.73 25.71 1.43
C ASP A 287 -30.50 24.71 2.29
N ILE A 288 -29.86 24.28 3.37
CA ILE A 288 -30.40 23.25 4.26
C ILE A 288 -29.81 23.43 5.66
N VAL A 289 -30.45 22.83 6.66
CA VAL A 289 -30.04 22.97 8.06
C VAL A 289 -28.66 22.35 8.24
N ASP A 290 -27.92 22.83 9.24
CA ASP A 290 -26.56 22.35 9.49
C ASP A 290 -26.52 20.86 9.80
N ASP A 291 -27.56 20.36 10.49
CA ASP A 291 -27.59 18.96 10.88
C ASP A 291 -27.88 18.03 9.69
N ASN A 292 -28.36 18.59 8.60
CA ASN A 292 -28.51 17.84 7.35
C ASN A 292 -27.33 18.08 6.40
N LEU A 293 -26.59 19.17 6.64
CA LEU A 293 -25.46 19.55 5.79
C LEU A 293 -24.16 18.86 6.19
N TYR A 294 -23.77 19.01 7.45
CA TYR A 294 -22.44 18.57 7.89
C TYR A 294 -22.26 17.05 7.82
N PRO A 295 -23.31 16.27 8.13
CA PRO A 295 -23.18 14.83 7.87
C PRO A 295 -22.88 14.50 6.43
N GLN A 296 -23.34 15.35 5.50
CA GLN A 296 -23.11 15.14 4.07
C GLN A 296 -21.73 15.62 3.65
N LEU A 297 -21.25 16.70 4.24
CA LEU A 297 -19.90 17.18 3.97
C LEU A 297 -18.87 16.15 4.41
N GLU A 298 -19.13 15.52 5.55
CA GLU A 298 -18.29 14.45 6.06
C GLU A 298 -18.24 13.28 5.07
N ARG A 299 -19.42 12.84 4.64
CA ARG A 299 -19.52 11.71 3.72
C ARG A 299 -18.85 12.03 2.39
N ALA A 300 -19.07 13.25 1.90
CA ALA A 300 -18.49 13.68 0.64
C ALA A 300 -16.98 13.69 0.77
N SER A 301 -16.51 14.25 1.88
CA SER A 301 -15.08 14.37 2.12
C SER A 301 -14.43 12.98 2.21
N ARG A 302 -15.09 12.07 2.93
CA ARG A 302 -14.55 10.73 3.14
C ARG A 302 -14.48 9.93 1.85
N LYS A 303 -15.53 10.03 1.04
CA LYS A 303 -15.59 9.30 -0.22
C LYS A 303 -14.44 9.70 -1.14
N ILE A 304 -14.17 11.00 -1.22
CA ILE A 304 -13.08 11.49 -2.05
C ILE A 304 -11.75 11.07 -1.43
N PHE A 305 -11.71 11.06 -0.10
CA PHE A 305 -10.49 10.66 0.60
C PHE A 305 -10.16 9.21 0.27
N GLU A 306 -11.15 8.33 0.42
CA GLU A 306 -10.97 6.91 0.12
C GLU A 306 -10.57 6.71 -1.33
N PHE A 307 -11.06 7.58 -2.21
CA PHE A 307 -10.68 7.55 -3.61
C PHE A 307 -9.21 7.90 -3.77
N LEU A 308 -8.79 8.98 -3.12
CA LEU A 308 -7.39 9.40 -3.14
C LEU A 308 -6.50 8.28 -2.63
N GLU A 309 -6.98 7.55 -1.62
CA GLU A 309 -6.21 6.46 -1.06
C GLU A 309 -5.96 5.39 -2.10
N ARG A 310 -7.04 4.83 -2.66
CA ARG A 310 -6.92 3.68 -3.54
C ARG A 310 -6.31 4.06 -4.89
N GLU A 311 -6.23 5.37 -5.17
CA GLU A 311 -5.61 5.82 -6.41
C GLU A 311 -4.13 6.15 -6.21
N ASN A 312 -3.63 5.82 -5.02
CA ASN A 312 -2.20 5.94 -4.68
C ASN A 312 -1.66 7.37 -4.69
N PHE A 313 -2.51 8.31 -4.28
CA PHE A 313 -2.07 9.71 -4.12
C PHE A 313 -1.69 9.97 -2.68
N MET A 314 -1.88 8.97 -1.82
CA MET A 314 -1.44 9.01 -0.43
C MET A 314 -1.92 10.25 0.31
N PRO A 315 -3.23 10.32 0.58
CA PRO A 315 -3.74 11.49 1.30
C PRO A 315 -3.30 11.51 2.76
N LEU A 316 -3.23 12.70 3.35
CA LEU A 316 -2.84 12.85 4.74
C LEU A 316 -4.05 13.09 5.63
N ARG A 317 -4.71 14.23 5.43
CA ARG A 317 -5.92 14.56 6.18
C ARG A 317 -6.97 15.19 5.26
N SER A 318 -8.20 15.29 5.75
CA SER A 318 -9.28 15.95 5.01
C SER A 318 -10.16 16.75 5.95
N ALA A 319 -10.29 18.04 5.66
CA ALA A 319 -11.19 18.92 6.39
C ALA A 319 -12.24 19.50 5.44
N PHE A 320 -13.17 20.27 6.00
CA PHE A 320 -14.16 20.98 5.19
C PHE A 320 -14.67 22.23 5.89
N LYS A 321 -15.09 23.21 5.11
CA LYS A 321 -15.56 24.50 5.64
C LYS A 321 -16.82 24.97 4.91
N ALA A 322 -17.77 25.50 5.67
CA ALA A 322 -19.01 26.04 5.12
C ALA A 322 -19.19 27.53 5.42
N SER A 323 -19.07 28.35 4.38
CA SER A 323 -19.38 29.78 4.48
C SER A 323 -20.86 29.99 4.20
N GLU A 324 -21.27 31.24 3.98
CA GLU A 324 -22.68 31.53 3.71
C GLU A 324 -23.10 31.12 2.31
N GLU A 325 -22.16 31.24 1.36
CA GLU A 325 -22.47 30.99 -0.04
C GLU A 325 -21.91 29.65 -0.53
N PHE A 326 -20.61 29.43 -0.33
CA PHE A 326 -19.92 28.26 -0.88
C PHE A 326 -19.51 27.23 0.18
N CYS A 327 -19.33 25.99 -0.25
CA CYS A 327 -18.75 24.93 0.59
C CYS A 327 -17.40 24.48 0.03
N TYR A 328 -16.49 24.12 0.94
CA TYR A 328 -15.14 23.71 0.56
C TYR A 328 -14.77 22.35 1.16
N LEU A 329 -14.37 21.42 0.29
CA LEU A 329 -13.79 20.14 0.72
C LEU A 329 -12.29 20.19 0.54
N LEU A 330 -11.56 20.24 1.66
CA LEU A 330 -10.12 20.44 1.64
C LEU A 330 -9.39 19.10 1.76
N PHE A 331 -8.29 18.97 1.02
CA PHE A 331 -7.48 17.76 1.05
C PHE A 331 -5.98 18.07 0.98
N GLU A 332 -5.19 17.18 1.58
CA GLU A 332 -3.74 17.23 1.49
C GLU A 332 -3.21 15.87 1.05
N CYS A 333 -2.37 15.87 0.03
CA CYS A 333 -1.80 14.64 -0.53
C CYS A 333 -0.27 14.68 -0.51
N GLN A 334 0.35 13.51 -0.29
CA GLN A 334 1.81 13.41 -0.32
C GLN A 334 2.33 13.35 -1.75
N ILE A 335 1.48 12.89 -2.67
CA ILE A 335 1.84 12.78 -4.08
C ILE A 335 1.26 13.93 -4.86
N LYS A 336 2.13 14.79 -5.37
CA LYS A 336 1.71 15.90 -6.22
C LYS A 336 1.45 15.43 -7.65
N GLU A 337 2.25 14.47 -8.08
CA GLU A 337 2.15 13.91 -9.42
C GLU A 337 2.60 12.44 -9.44
N ILE A 338 1.76 11.56 -9.97
CA ILE A 338 2.12 10.15 -10.13
C ILE A 338 2.39 9.85 -11.60
N SER A 339 2.95 8.68 -11.88
CA SER A 339 3.31 8.32 -13.25
C SER A 339 2.11 7.88 -14.07
N ARG A 340 2.27 7.96 -15.38
CA ARG A 340 1.22 7.58 -16.32
C ARG A 340 1.01 6.06 -16.25
N VAL A 341 2.10 5.33 -16.01
CA VAL A 341 2.08 3.86 -15.99
C VAL A 341 1.90 3.27 -14.60
N PHE A 342 1.18 2.15 -14.53
CA PHE A 342 1.13 1.32 -13.33
C PHE A 342 1.09 -0.15 -13.75
N ARG A 343 1.10 -1.05 -12.77
CA ARG A 343 1.13 -2.49 -13.07
C ARG A 343 -0.11 -3.20 -12.52
N ARG A 344 -0.92 -3.72 -13.44
CA ARG A 344 -2.08 -4.51 -13.07
C ARG A 344 -1.75 -6.00 -12.98
N MET A 345 -2.24 -6.62 -11.91
CA MET A 345 -2.00 -8.02 -11.64
C MET A 345 -2.82 -8.90 -12.58
N GLY A 346 -2.19 -9.95 -13.09
CA GLY A 346 -2.86 -10.92 -13.94
C GLY A 346 -3.08 -12.26 -13.26
N PRO A 347 -3.53 -13.26 -14.03
CA PRO A 347 -3.74 -14.61 -13.52
C PRO A 347 -2.43 -15.39 -13.39
N GLN A 348 -2.42 -16.44 -12.56
CA GLN A 348 -1.25 -17.30 -12.43
C GLN A 348 -1.02 -18.05 -13.75
N PHE A 349 0.22 -18.46 -14.00
CA PHE A 349 0.57 -18.99 -15.32
C PHE A 349 -0.08 -20.32 -15.67
N GLU A 350 -0.64 -21.01 -14.68
CA GLU A 350 -1.23 -22.33 -14.92
C GLU A 350 -2.48 -22.30 -15.81
N ASP A 351 -3.60 -21.73 -15.34
CA ASP A 351 -4.83 -21.82 -16.13
C ASP A 351 -4.78 -20.88 -17.32
N GLU A 352 -4.75 -21.49 -18.51
CA GLU A 352 -4.56 -20.75 -19.75
C GLU A 352 -5.86 -20.15 -20.24
N ARG A 353 -6.97 -20.54 -19.62
CA ARG A 353 -8.25 -19.95 -19.96
C ARG A 353 -8.25 -18.46 -19.66
N ASN A 354 -7.84 -18.13 -18.44
CA ASN A 354 -7.82 -16.74 -17.97
C ASN A 354 -6.60 -15.97 -18.45
N VAL A 355 -5.48 -16.67 -18.64
CA VAL A 355 -4.28 -16.03 -19.16
C VAL A 355 -4.53 -15.50 -20.55
N LYS A 356 -5.15 -16.33 -21.39
CA LYS A 356 -5.37 -15.97 -22.79
C LYS A 356 -6.34 -14.79 -22.87
N LYS A 357 -7.29 -14.75 -21.95
CA LYS A 357 -8.22 -13.61 -21.87
C LYS A 357 -7.47 -12.35 -21.45
N PHE A 358 -6.46 -12.52 -20.61
CA PHE A 358 -5.71 -11.40 -20.06
C PHE A 358 -4.75 -10.80 -21.09
N LEU A 359 -4.12 -11.65 -21.90
CA LEU A 359 -3.17 -11.18 -22.90
C LEU A 359 -3.88 -10.63 -24.14
N SER A 360 -5.15 -10.97 -24.31
CA SER A 360 -5.93 -10.54 -25.46
C SER A 360 -6.13 -9.01 -25.45
N ARG A 361 -6.22 -8.45 -24.25
CA ARG A 361 -6.45 -7.01 -24.09
C ARG A 361 -5.37 -6.17 -24.75
N ASN A 362 -5.80 -5.21 -25.58
CA ASN A 362 -4.87 -4.31 -26.25
C ASN A 362 -4.21 -3.36 -25.26
N ARG A 363 -2.89 -3.39 -25.22
CA ARG A 363 -2.12 -2.59 -24.28
C ARG A 363 -0.93 -1.93 -24.96
N ALA A 364 -0.45 -0.84 -24.38
CA ALA A 364 0.59 -0.06 -25.02
C ALA A 364 1.94 -0.75 -24.87
N PHE A 365 2.12 -1.44 -23.75
CA PHE A 365 3.37 -2.12 -23.46
C PHE A 365 3.17 -3.62 -23.33
N ARG A 366 4.23 -4.40 -23.53
CA ARG A 366 4.16 -5.84 -23.35
C ARG A 366 3.90 -6.20 -21.89
N PRO A 367 3.22 -7.33 -21.65
CA PRO A 367 3.06 -7.80 -20.27
C PRO A 367 4.26 -8.64 -19.85
N PHE A 368 4.29 -9.12 -18.61
CA PHE A 368 5.44 -9.89 -18.13
C PHE A 368 5.09 -10.84 -16.98
N ILE A 369 5.93 -11.84 -16.79
CA ILE A 369 5.74 -12.81 -15.71
C ILE A 369 6.63 -12.48 -14.52
N GLU A 370 6.03 -12.48 -13.33
CA GLU A 370 6.78 -12.24 -12.10
C GLU A 370 6.27 -13.15 -10.97
N ASN A 371 7.16 -13.97 -10.43
CA ASN A 371 6.83 -14.93 -9.40
C ASN A 371 5.66 -15.82 -9.80
N GLY A 372 5.71 -16.29 -11.04
CA GLY A 372 4.74 -17.24 -11.54
C GLY A 372 3.32 -16.73 -11.70
N ARG A 373 3.19 -15.44 -12.01
CA ARG A 373 1.88 -14.89 -12.33
C ARG A 373 2.06 -13.72 -13.27
N TRP A 374 1.09 -13.51 -14.14
CA TRP A 374 1.20 -12.50 -15.18
C TRP A 374 0.93 -11.10 -14.66
N TRP A 375 1.66 -10.14 -15.22
CA TRP A 375 1.48 -8.72 -14.91
C TRP A 375 1.47 -7.93 -16.21
N ALA A 376 0.84 -6.77 -16.17
CA ALA A 376 0.79 -5.91 -17.34
C ALA A 376 0.85 -4.46 -16.95
N PHE A 377 1.54 -3.67 -17.77
CA PHE A 377 1.58 -2.23 -17.58
C PHE A 377 0.31 -1.63 -18.17
N GLU A 378 -0.35 -0.78 -17.40
CA GLU A 378 -1.56 -0.11 -17.86
C GLU A 378 -1.40 1.38 -17.64
N MET A 379 -2.24 2.17 -18.32
CA MET A 379 -2.11 3.62 -18.28
C MET A 379 -3.22 4.27 -17.48
N ARG A 380 -2.84 5.25 -16.66
CA ARG A 380 -3.79 6.03 -15.90
C ARG A 380 -4.49 7.04 -16.80
N LYS A 381 -5.67 7.48 -16.37
CA LYS A 381 -6.43 8.50 -17.09
C LYS A 381 -6.15 9.89 -16.49
N PHE A 382 -5.39 9.91 -15.40
CA PHE A 382 -4.97 11.16 -14.77
C PHE A 382 -3.67 10.98 -14.01
N THR A 383 -2.82 12.01 -14.01
CA THR A 383 -1.52 11.94 -13.34
C THR A 383 -1.42 12.74 -12.02
N THR A 384 -2.45 13.51 -11.68
CA THR A 384 -2.41 14.35 -10.49
C THR A 384 -3.64 14.16 -9.62
N PRO A 385 -3.53 14.48 -8.31
CA PRO A 385 -4.69 14.35 -7.42
C PRO A 385 -5.86 15.22 -7.87
N GLU A 386 -5.55 16.42 -8.37
CA GLU A 386 -6.58 17.36 -8.77
C GLU A 386 -7.37 16.85 -9.97
N GLU A 387 -6.65 16.33 -10.97
CA GLU A 387 -7.29 15.71 -12.12
C GLU A 387 -8.12 14.50 -11.71
N GLY A 388 -7.58 13.72 -10.77
CA GLY A 388 -8.25 12.52 -10.29
C GLY A 388 -9.55 12.80 -9.57
N VAL A 389 -9.53 13.79 -8.68
CA VAL A 389 -10.73 14.13 -7.91
C VAL A 389 -11.79 14.76 -8.80
N ARG A 390 -11.36 15.54 -9.79
CA ARG A 390 -12.30 16.13 -10.75
C ARG A 390 -13.01 15.03 -11.54
N SER A 391 -12.24 14.03 -11.98
CA SER A 391 -12.81 12.91 -12.73
C SER A 391 -13.77 12.13 -11.83
N TYR A 392 -13.46 12.08 -10.54
CA TYR A 392 -14.29 11.36 -9.58
C TYR A 392 -15.58 12.10 -9.26
N ALA A 393 -15.45 13.38 -8.95
CA ALA A 393 -16.59 14.20 -8.53
C ALA A 393 -17.59 14.38 -9.66
N SER A 394 -17.13 14.21 -10.89
CA SER A 394 -17.99 14.36 -12.07
C SER A 394 -18.89 13.15 -12.25
N THR A 395 -18.29 11.96 -12.17
CA THR A 395 -19.03 10.72 -12.42
C THR A 395 -19.78 10.22 -11.19
N HIS A 396 -19.13 10.31 -10.03
CA HIS A 396 -19.68 9.77 -8.80
C HIS A 396 -20.38 10.83 -7.95
N TRP A 397 -20.82 11.90 -8.60
CA TRP A 397 -21.52 12.98 -7.91
C TRP A 397 -22.63 12.45 -6.99
N HIS A 398 -23.29 11.39 -7.42
CA HIS A 398 -24.52 10.93 -6.75
C HIS A 398 -24.29 10.37 -5.35
N THR A 399 -23.12 9.79 -5.10
CA THR A 399 -22.86 9.16 -3.81
C THR A 399 -22.20 10.11 -2.81
N LEU A 400 -22.07 11.38 -3.17
CA LEU A 400 -21.44 12.38 -2.31
C LEU A 400 -22.44 13.05 -1.37
N GLY A 401 -23.59 12.41 -1.19
CA GLY A 401 -24.64 12.93 -0.32
C GLY A 401 -25.79 13.46 -1.15
N LYS A 402 -27.01 13.36 -0.63
CA LYS A 402 -28.21 13.68 -1.38
C LYS A 402 -28.19 15.11 -1.92
N ASN A 403 -28.07 16.08 -1.02
CA ASN A 403 -28.10 17.49 -1.40
C ASN A 403 -26.74 17.99 -1.90
N VAL A 404 -25.67 17.64 -1.19
CA VAL A 404 -24.33 18.06 -1.54
C VAL A 404 -23.92 17.52 -2.91
N GLY A 405 -24.17 16.23 -3.12
CA GLY A 405 -23.80 15.57 -4.35
C GLY A 405 -24.46 16.17 -5.58
N GLU A 406 -25.69 16.64 -5.42
CA GLU A 406 -26.41 17.22 -6.54
C GLU A 406 -25.93 18.63 -6.81
N SER A 407 -25.40 19.29 -5.78
CA SER A 407 -24.88 20.63 -5.94
C SER A 407 -23.55 20.59 -6.69
N ILE A 408 -22.87 19.46 -6.59
CA ILE A 408 -21.59 19.26 -7.27
C ILE A 408 -21.85 18.92 -8.73
N ARG A 409 -22.97 18.25 -9.01
CA ARG A 409 -23.33 17.90 -10.37
C ARG A 409 -23.48 19.15 -11.21
N GLU A 410 -24.16 20.16 -10.68
CA GLU A 410 -24.45 21.36 -11.45
C GLU A 410 -23.16 22.08 -11.76
N TYR A 411 -22.37 22.37 -10.73
CA TYR A 411 -21.07 22.98 -10.95
C TYR A 411 -20.16 22.78 -9.75
N PHE A 412 -18.88 22.55 -10.04
CA PHE A 412 -17.84 22.54 -9.03
C PHE A 412 -16.51 22.83 -9.70
N GLU A 413 -15.52 23.25 -8.92
CA GLU A 413 -14.17 23.44 -9.44
C GLU A 413 -13.12 23.10 -8.38
N ILE A 414 -11.88 22.95 -8.84
CA ILE A 414 -10.77 22.57 -7.97
C ILE A 414 -9.85 23.78 -7.77
N ILE A 415 -9.88 24.34 -6.57
CA ILE A 415 -9.06 25.50 -6.24
C ILE A 415 -7.72 25.04 -5.66
N SER A 416 -6.63 25.44 -6.31
CA SER A 416 -5.28 25.05 -5.90
C SER A 416 -4.33 26.23 -5.96
N GLY A 417 -3.22 26.11 -5.24
CA GLY A 417 -2.18 27.13 -5.28
C GLY A 417 -2.57 28.41 -4.57
N GLU A 418 -2.24 29.54 -5.19
CA GLU A 418 -2.52 30.84 -4.59
C GLU A 418 -4.00 31.21 -4.66
N LYS A 419 -4.73 30.61 -5.60
CA LYS A 419 -6.16 30.82 -5.70
C LYS A 419 -6.87 30.29 -4.45
N LEU A 420 -6.28 29.25 -3.85
CA LEU A 420 -6.89 28.57 -2.71
C LEU A 420 -6.72 29.36 -1.42
N PHE A 421 -5.56 29.98 -1.26
CA PHE A 421 -5.22 30.70 -0.04
C PHE A 421 -6.01 32.01 0.09
N LYS A 422 -6.65 32.44 -1.00
CA LYS A 422 -7.45 33.66 -1.00
C LYS A 422 -8.90 33.38 -0.61
N GLU A 423 -9.15 32.17 -0.12
CA GLU A 423 -10.49 31.74 0.28
C GLU A 423 -10.59 31.68 1.80
N PRO A 424 -11.81 31.73 2.35
CA PRO A 424 -11.99 31.73 3.80
C PRO A 424 -11.83 30.34 4.43
N VAL A 425 -10.78 29.62 4.02
CA VAL A 425 -10.51 28.28 4.53
C VAL A 425 -9.26 28.21 5.39
N THR A 426 -8.62 29.37 5.60
CA THR A 426 -7.31 29.43 6.25
C THR A 426 -7.28 28.75 7.61
N ALA A 427 -8.23 29.09 8.48
CA ALA A 427 -8.28 28.53 9.82
C ALA A 427 -8.43 27.01 9.78
N GLU A 428 -9.13 26.50 8.77
CA GLU A 428 -9.37 25.07 8.62
C GLU A 428 -8.14 24.34 8.06
N LEU A 429 -7.38 25.02 7.21
CA LEU A 429 -6.17 24.45 6.64
C LEU A 429 -5.07 24.31 7.70
N CYS A 430 -4.92 25.35 8.51
CA CYS A 430 -3.91 25.35 9.56
C CYS A 430 -4.22 24.30 10.61
N GLU A 431 -5.49 24.24 11.02
CA GLU A 431 -5.93 23.24 11.97
C GLU A 431 -5.73 21.84 11.38
N MET A 432 -5.93 21.73 10.08
CA MET A 432 -5.78 20.45 9.37
C MET A 432 -4.32 20.03 9.36
N MET A 433 -3.43 21.01 9.13
CA MET A 433 -2.00 20.74 9.02
C MET A 433 -1.30 20.86 10.38
N GLY A 434 -2.03 21.34 11.38
CA GLY A 434 -1.53 21.40 12.74
C GLY A 434 -0.50 22.48 13.01
N VAL A 435 -0.59 23.59 12.29
CA VAL A 435 0.35 24.68 12.50
C VAL A 435 0.14 25.28 13.88
N LYS A 436 1.21 25.33 14.68
CA LYS A 436 1.15 25.92 16.01
C LYS A 436 1.53 27.39 15.94
N ASP A 437 0.93 28.19 16.83
CA ASP A 437 1.27 29.61 16.96
C ASP A 437 0.56 30.20 18.18
CA MET C 1 2.42 -24.16 -41.52
C MET C 1 1.83 -25.20 -40.58
N LYS C 2 1.99 -26.47 -40.94
CA LYS C 2 1.52 -27.57 -40.10
C LYS C 2 2.53 -27.87 -39.00
N VAL C 3 2.15 -28.73 -38.05
CA VAL C 3 3.00 -29.01 -36.91
C VAL C 3 4.31 -29.67 -37.30
N GLU C 4 4.26 -30.62 -38.22
CA GLU C 4 5.42 -31.44 -38.53
C GLU C 4 6.27 -30.87 -39.67
N GLU C 5 5.73 -29.89 -40.41
CA GLU C 5 6.50 -29.33 -41.51
C GLU C 5 7.53 -28.34 -40.98
N ILE C 6 7.24 -27.77 -39.81
CA ILE C 6 8.13 -26.81 -39.18
C ILE C 6 9.24 -27.51 -38.40
N LEU C 7 8.92 -28.66 -37.81
CA LEU C 7 9.91 -29.43 -37.07
C LEU C 7 10.96 -30.01 -38.00
N GLU C 8 10.65 -30.07 -39.30
CA GLU C 8 11.60 -30.58 -40.28
C GLU C 8 12.63 -29.50 -40.61
N LYS C 9 12.17 -28.27 -40.81
CA LYS C 9 13.06 -27.16 -41.11
C LYS C 9 13.80 -26.71 -39.85
N ALA C 10 13.30 -27.14 -38.70
CA ALA C 10 13.93 -26.82 -37.44
C ALA C 10 15.17 -27.67 -37.23
N LEU C 11 15.18 -28.86 -37.82
CA LEU C 11 16.34 -29.75 -37.72
C LEU C 11 17.56 -29.17 -38.43
N GLU C 12 17.33 -28.20 -39.30
CA GLU C 12 18.41 -27.52 -40.01
C GLU C 12 19.16 -26.62 -39.04
N LEU C 13 18.42 -26.04 -38.11
CA LEU C 13 18.97 -25.07 -37.19
C LEU C 13 19.63 -25.73 -35.97
N VAL C 14 19.12 -26.89 -35.56
CA VAL C 14 19.61 -27.55 -34.34
C VAL C 14 20.64 -28.67 -34.54
N ILE C 15 20.77 -29.19 -35.76
CA ILE C 15 21.67 -30.31 -36.01
C ILE C 15 22.99 -29.84 -36.61
N PRO C 16 24.13 -30.28 -36.03
CA PRO C 16 25.44 -29.86 -36.54
C PRO C 16 25.73 -30.33 -37.96
N ASP C 17 26.24 -29.44 -38.80
CA ASP C 17 26.61 -29.80 -40.16
C ASP C 17 27.90 -30.63 -40.14
N GLU C 18 28.15 -31.35 -41.24
CA GLU C 18 29.26 -32.30 -41.31
C GLU C 18 30.63 -31.63 -41.19
N GLU C 19 30.71 -30.35 -41.51
CA GLU C 19 31.97 -29.62 -41.40
C GLU C 19 32.35 -29.50 -39.92
N GLU C 20 31.34 -29.32 -39.08
CA GLU C 20 31.54 -29.15 -37.64
C GLU C 20 31.76 -30.48 -36.94
N VAL C 21 30.99 -31.51 -37.32
CA VAL C 21 31.08 -32.82 -36.71
C VAL C 21 32.46 -33.45 -36.93
N ARG C 22 33.01 -33.25 -38.11
CA ARG C 22 34.33 -33.76 -38.43
C ARG C 22 35.36 -33.10 -37.50
N LYS C 23 35.25 -31.78 -37.36
CA LYS C 23 36.14 -31.02 -36.49
C LYS C 23 36.11 -31.58 -35.07
N GLY C 24 34.95 -32.08 -34.66
CA GLY C 24 34.77 -32.65 -33.35
C GLY C 24 35.38 -34.04 -33.24
N ARG C 25 35.07 -34.89 -34.19
CA ARG C 25 35.54 -36.27 -34.16
C ARG C 25 37.05 -36.35 -34.30
N GLU C 26 37.64 -35.37 -35.00
CA GLU C 26 39.08 -35.30 -35.15
C GLU C 26 39.72 -34.86 -33.84
N ALA C 27 39.02 -34.01 -33.10
CA ALA C 27 39.49 -33.54 -31.81
C ALA C 27 39.38 -34.65 -30.77
N GLU C 28 38.30 -35.42 -30.83
CA GLU C 28 38.08 -36.54 -29.93
C GLU C 28 39.17 -37.60 -30.08
N GLU C 29 39.56 -37.85 -31.33
CA GLU C 29 40.53 -38.90 -31.62
C GLU C 29 41.91 -38.58 -31.08
N GLU C 30 42.24 -37.29 -31.00
CA GLU C 30 43.52 -36.87 -30.46
C GLU C 30 43.46 -36.84 -28.94
N LEU C 31 42.31 -36.42 -28.42
CA LEU C 31 42.12 -36.32 -26.99
C LEU C 31 42.23 -37.70 -26.34
N ARG C 32 41.62 -38.72 -26.97
CA ARG C 32 41.72 -40.09 -26.46
C ARG C 32 43.14 -40.62 -26.60
N ARG C 33 43.82 -40.22 -27.66
CA ARG C 33 45.19 -40.65 -27.89
C ARG C 33 46.11 -40.16 -26.77
N ARG C 34 45.90 -38.93 -26.31
CA ARG C 34 46.74 -38.34 -25.26
C ARG C 34 46.35 -38.88 -23.90
N LEU C 35 45.05 -39.07 -23.68
CA LEU C 35 44.56 -39.61 -22.41
C LEU C 35 45.02 -41.06 -22.27
N ASP C 36 45.00 -41.82 -23.37
CA ASP C 36 45.44 -43.21 -23.36
C ASP C 36 46.95 -43.30 -23.22
N GLU C 37 47.64 -42.26 -23.68
CA GLU C 37 49.09 -42.19 -23.60
C GLU C 37 49.53 -42.10 -22.14
N LEU C 38 48.66 -41.57 -21.29
CA LEU C 38 48.96 -41.43 -19.87
C LEU C 38 48.46 -42.61 -19.03
N GLY C 39 47.62 -43.46 -19.63
CA GLY C 39 47.09 -44.61 -18.93
C GLY C 39 46.35 -44.20 -17.66
N VAL C 40 45.37 -43.32 -17.82
CA VAL C 40 44.53 -42.85 -16.72
C VAL C 40 43.09 -43.23 -16.98
N GLU C 41 42.36 -43.56 -15.92
CA GLU C 41 40.96 -43.94 -16.07
C GLU C 41 40.10 -42.70 -16.30
N TYR C 42 39.48 -42.64 -17.46
CA TYR C 42 38.64 -41.52 -17.83
C TYR C 42 37.36 -42.02 -18.51
N VAL C 43 36.39 -41.13 -18.65
CA VAL C 43 35.15 -41.45 -19.35
C VAL C 43 34.63 -40.23 -20.08
N PHE C 44 34.21 -40.43 -21.32
CA PHE C 44 33.61 -39.38 -22.11
C PHE C 44 32.13 -39.28 -21.72
N VAL C 45 31.74 -38.09 -21.28
CA VAL C 45 30.36 -37.84 -20.86
C VAL C 45 29.84 -36.60 -21.57
N GLY C 46 28.64 -36.17 -21.17
CA GLY C 46 28.06 -34.96 -21.71
C GLY C 46 27.34 -35.21 -23.00
N SER C 47 27.03 -34.13 -23.71
CA SER C 47 26.23 -34.22 -24.93
C SER C 47 27.03 -34.75 -26.10
N TYR C 48 28.36 -34.65 -26.04
CA TYR C 48 29.16 -35.11 -27.15
C TYR C 48 29.18 -36.63 -27.21
N ALA C 49 29.27 -37.25 -26.05
CA ALA C 49 29.30 -38.70 -25.94
C ALA C 49 28.00 -39.32 -26.50
N ARG C 50 26.88 -38.69 -26.17
CA ARG C 50 25.57 -39.18 -26.58
C ARG C 50 25.13 -38.59 -27.92
N ASN C 51 26.00 -37.81 -28.53
CA ASN C 51 25.70 -37.20 -29.83
C ASN C 51 24.41 -36.38 -29.82
N THR C 52 24.18 -35.66 -28.72
CA THR C 52 23.01 -34.78 -28.58
C THR C 52 23.34 -33.27 -28.59
N TRP C 53 24.59 -32.91 -28.90
CA TRP C 53 25.00 -31.51 -28.80
C TRP C 53 24.39 -30.64 -29.89
N LEU C 54 24.05 -29.40 -29.53
CA LEU C 54 23.43 -28.44 -30.46
C LEU C 54 24.38 -27.92 -31.53
N LYS C 55 23.82 -27.53 -32.67
CA LYS C 55 24.62 -26.96 -33.75
C LYS C 55 25.28 -25.66 -33.31
N GLY C 56 26.54 -25.50 -33.67
CA GLY C 56 27.29 -24.29 -33.37
C GLY C 56 27.72 -24.17 -31.92
N SER C 57 27.42 -25.19 -31.12
CA SER C 57 27.96 -25.27 -29.77
C SER C 57 28.60 -26.63 -29.56
N LEU C 58 29.93 -26.67 -29.63
CA LEU C 58 30.68 -27.92 -29.52
C LEU C 58 31.63 -27.88 -28.34
N GLU C 59 31.31 -28.69 -27.34
CA GLU C 59 32.09 -28.77 -26.13
C GLU C 59 32.20 -30.24 -25.70
N ILE C 60 33.42 -30.74 -25.61
CA ILE C 60 33.64 -32.13 -25.26
C ILE C 60 33.93 -32.22 -23.77
N ASP C 61 32.99 -32.80 -23.03
CA ASP C 61 33.13 -32.98 -21.60
C ASP C 61 33.84 -34.31 -21.35
N VAL C 62 34.87 -34.30 -20.51
CA VAL C 62 35.62 -35.51 -20.17
C VAL C 62 35.88 -35.57 -18.67
N PHE C 63 35.52 -36.71 -18.07
CA PHE C 63 35.68 -36.89 -16.64
C PHE C 63 36.85 -37.83 -16.33
N LEU C 64 37.50 -37.58 -15.20
CA LEU C 64 38.64 -38.37 -14.76
C LEU C 64 38.27 -39.18 -13.50
N LEU C 65 38.50 -40.49 -13.57
CA LEU C 65 38.10 -41.41 -12.52
C LEU C 65 39.25 -41.69 -11.57
N PHE C 66 39.09 -41.26 -10.31
CA PHE C 66 40.13 -41.43 -9.28
C PHE C 66 39.64 -42.31 -8.14
N PRO C 67 40.57 -42.94 -7.40
CA PRO C 67 40.20 -43.76 -6.24
C PRO C 67 39.41 -43.00 -5.18
N GLU C 68 38.61 -43.74 -4.42
CA GLU C 68 37.71 -43.14 -3.43
C GLU C 68 38.46 -42.51 -2.26
N GLU C 69 39.68 -42.98 -2.04
CA GLU C 69 40.44 -42.58 -0.85
C GLU C 69 41.16 -41.26 -1.05
N PHE C 70 41.17 -40.76 -2.28
CA PHE C 70 41.80 -39.49 -2.56
C PHE C 70 41.06 -38.33 -1.88
N SER C 71 41.84 -37.43 -1.28
CA SER C 71 41.30 -36.23 -0.67
C SER C 71 40.86 -35.28 -1.77
N LYS C 72 40.03 -34.30 -1.41
CA LYS C 72 39.59 -33.29 -2.36
C LYS C 72 40.79 -32.52 -2.91
N GLU C 73 41.87 -32.49 -2.15
CA GLU C 73 43.07 -31.77 -2.55
C GLU C 73 43.84 -32.52 -3.63
N GLU C 74 43.93 -33.83 -3.47
CA GLU C 74 44.63 -34.70 -4.41
C GLU C 74 43.90 -34.76 -5.74
N LEU C 75 42.56 -34.71 -5.68
CA LEU C 75 41.73 -34.66 -6.87
C LEU C 75 42.05 -33.41 -7.69
N ARG C 76 42.10 -32.27 -7.02
CA ARG C 76 42.37 -30.99 -7.67
C ARG C 76 43.74 -30.99 -8.31
N GLU C 77 44.75 -31.36 -7.53
CA GLU C 77 46.13 -31.32 -7.96
C GLU C 77 46.37 -32.21 -9.17
N ARG C 78 45.77 -33.40 -9.15
CA ARG C 78 45.90 -34.35 -10.25
C ARG C 78 45.02 -33.93 -11.43
N GLY C 79 43.90 -33.30 -11.13
CA GLY C 79 43.03 -32.79 -12.18
C GLY C 79 43.76 -31.79 -13.06
N LEU C 80 44.40 -30.80 -12.43
CA LEU C 80 45.15 -29.78 -13.16
C LEU C 80 46.29 -30.40 -13.96
N GLU C 81 46.95 -31.37 -13.35
CA GLU C 81 48.16 -31.96 -13.91
C GLU C 81 47.86 -32.72 -15.22
N ILE C 82 46.80 -33.51 -15.21
CA ILE C 82 46.37 -34.23 -16.41
C ILE C 82 45.87 -33.25 -17.46
N GLY C 83 45.07 -32.29 -17.03
CA GLY C 83 44.50 -31.29 -17.93
C GLY C 83 45.55 -30.53 -18.72
N LYS C 84 46.64 -30.15 -18.07
CA LYS C 84 47.70 -29.40 -18.73
C LYS C 84 48.38 -30.23 -19.83
N ALA C 85 48.66 -31.49 -19.53
CA ALA C 85 49.39 -32.36 -20.45
C ALA C 85 48.50 -32.86 -21.59
N VAL C 86 47.19 -32.76 -21.39
CA VAL C 86 46.21 -33.20 -22.39
C VAL C 86 45.82 -32.08 -23.36
N LEU C 87 45.43 -30.94 -22.80
CA LEU C 87 44.95 -29.80 -23.58
C LEU C 87 46.08 -28.99 -24.22
N ASP C 88 45.78 -28.41 -25.38
CA ASP C 88 46.75 -27.56 -26.08
C ASP C 88 46.98 -26.28 -25.29
N SER C 89 45.88 -25.60 -24.99
CA SER C 89 45.88 -24.45 -24.10
C SER C 89 44.84 -24.69 -23.02
N TYR C 90 45.13 -24.28 -21.79
CA TYR C 90 44.24 -24.55 -20.68
C TYR C 90 43.92 -23.28 -19.91
N GLU C 91 42.79 -23.32 -19.22
CA GLU C 91 42.32 -22.22 -18.39
C GLU C 91 41.65 -22.83 -17.16
N ILE C 92 41.96 -22.31 -15.98
CA ILE C 92 41.42 -22.85 -14.74
C ILE C 92 40.12 -22.10 -14.42
N ARG C 93 39.05 -22.87 -14.25
CA ARG C 93 37.70 -22.37 -14.00
C ARG C 93 37.10 -23.05 -12.76
N TYR C 94 36.26 -22.31 -12.05
CA TYR C 94 35.65 -22.79 -10.81
C TYR C 94 34.13 -22.76 -10.87
N ALA C 95 33.51 -23.94 -10.86
CA ALA C 95 32.05 -24.07 -10.74
C ALA C 95 31.68 -25.15 -9.71
N GLU C 96 31.62 -24.76 -8.43
CA GLU C 96 31.34 -25.65 -7.29
C GLU C 96 32.56 -26.51 -6.91
N HIS C 97 33.39 -26.83 -7.89
CA HIS C 97 34.62 -27.56 -7.65
CA HIS C 97 34.59 -27.64 -7.71
C HIS C 97 35.62 -27.22 -8.75
N PRO C 98 36.91 -27.46 -8.47
CA PRO C 98 37.90 -27.07 -9.48
C PRO C 98 37.91 -28.00 -10.68
N TYR C 99 38.13 -27.44 -11.86
CA TYR C 99 38.28 -28.22 -13.08
C TYR C 99 39.08 -27.41 -14.10
N VAL C 100 39.38 -28.03 -15.25
CA VAL C 100 40.20 -27.41 -16.27
C VAL C 100 39.46 -27.29 -17.60
N HIS C 101 39.34 -26.07 -18.10
CA HIS C 101 38.81 -25.81 -19.43
C HIS C 101 39.95 -25.55 -20.41
N GLY C 102 39.82 -26.00 -21.65
CA GLY C 102 40.87 -25.76 -22.62
C GLY C 102 40.44 -26.04 -24.05
N VAL C 103 41.45 -26.15 -24.91
CA VAL C 103 41.23 -26.33 -26.34
C VAL C 103 42.05 -27.51 -26.85
N VAL C 104 41.40 -28.36 -27.63
CA VAL C 104 42.09 -29.47 -28.30
C VAL C 104 41.72 -29.49 -29.78
N LYS C 105 42.69 -29.17 -30.63
CA LYS C 105 42.47 -29.08 -32.07
C LYS C 105 41.29 -28.18 -32.43
N GLY C 106 41.21 -27.04 -31.75
CA GLY C 106 40.23 -26.01 -32.09
C GLY C 106 38.87 -26.16 -31.43
N VAL C 107 38.63 -27.27 -30.73
CA VAL C 107 37.36 -27.49 -30.04
C VAL C 107 37.56 -27.36 -28.54
N GLU C 108 36.50 -26.93 -27.84
CA GLU C 108 36.59 -26.71 -26.40
C GLU C 108 36.41 -27.99 -25.61
N VAL C 109 37.25 -28.15 -24.59
CA VAL C 109 37.24 -29.33 -23.74
C VAL C 109 37.10 -28.95 -22.27
N ASP C 110 36.28 -29.72 -21.55
CA ASP C 110 36.15 -29.60 -20.10
C ASP C 110 36.67 -30.88 -19.43
N VAL C 111 37.75 -30.76 -18.67
CA VAL C 111 38.33 -31.89 -17.96
C VAL C 111 38.02 -31.81 -16.48
N VAL C 112 37.09 -32.65 -16.03
CA VAL C 112 36.61 -32.60 -14.65
C VAL C 112 37.02 -33.84 -13.86
N PRO C 113 37.76 -33.67 -12.76
CA PRO C 113 38.08 -34.82 -11.93
C PRO C 113 36.90 -35.22 -11.04
N CYS C 114 36.73 -36.53 -10.80
CA CYS C 114 35.72 -37.03 -9.88
C CYS C 114 36.15 -38.39 -9.33
N TYR C 115 35.26 -39.02 -8.55
CA TYR C 115 35.57 -40.31 -7.92
C TYR C 115 35.06 -41.48 -8.75
N LYS C 116 35.82 -42.57 -8.76
CA LYS C 116 35.37 -43.81 -9.38
C LYS C 116 34.59 -44.64 -8.40
N LEU C 117 33.29 -44.78 -8.65
CA LEU C 117 32.38 -45.44 -7.72
C LEU C 117 31.55 -46.47 -8.45
N LYS C 118 31.29 -47.60 -7.78
CA LYS C 118 30.34 -48.59 -8.26
C LYS C 118 29.07 -48.43 -7.40
N GLU C 119 27.92 -48.52 -8.07
CA GLU C 119 26.61 -48.15 -7.50
C GLU C 119 26.49 -46.65 -7.24
N PRO C 120 25.28 -46.09 -7.44
CA PRO C 120 25.13 -44.66 -7.17
C PRO C 120 24.84 -44.32 -5.71
N LYS C 121 24.89 -45.30 -4.83
CA LYS C 121 24.40 -45.10 -3.47
C LYS C 121 25.28 -44.13 -2.73
N ASN C 122 26.53 -44.51 -2.48
CA ASN C 122 27.48 -43.60 -1.86
C ASN C 122 28.20 -42.75 -2.90
N ILE C 123 27.77 -41.50 -3.02
CA ILE C 123 28.43 -40.54 -3.91
C ILE C 123 28.88 -39.35 -3.07
N LYS C 124 30.16 -39.02 -3.20
CA LYS C 124 30.78 -38.06 -2.30
C LYS C 124 30.45 -36.63 -2.74
N SER C 125 30.90 -36.24 -3.92
CA SER C 125 30.65 -34.91 -4.45
C SER C 125 29.40 -34.89 -5.30
N ALA C 126 29.14 -33.75 -5.93
CA ALA C 126 28.00 -33.61 -6.83
C ALA C 126 28.44 -34.00 -8.24
N VAL C 127 29.75 -34.07 -8.45
CA VAL C 127 30.29 -34.41 -9.76
C VAL C 127 30.27 -35.90 -9.99
N ASP C 128 30.14 -36.66 -8.91
CA ASP C 128 30.19 -38.12 -9.00
C ASP C 128 28.93 -38.68 -9.62
N ARG C 129 27.93 -37.82 -9.81
CA ARG C 129 26.68 -38.23 -10.42
C ARG C 129 26.88 -38.42 -11.92
N THR C 130 27.80 -37.68 -12.51
CA THR C 130 27.90 -37.58 -13.97
C THR C 130 28.21 -38.92 -14.66
N PRO C 131 29.16 -39.71 -14.13
CA PRO C 131 29.39 -41.01 -14.78
C PRO C 131 28.14 -41.90 -14.75
N PHE C 132 27.33 -41.79 -13.70
CA PHE C 132 26.11 -42.58 -13.58
C PHE C 132 25.00 -42.02 -14.48
N HIS C 133 25.06 -40.72 -14.76
CA HIS C 133 24.12 -40.09 -15.69
C HIS C 133 24.32 -40.69 -17.07
N HIS C 134 25.57 -40.79 -17.48
CA HIS C 134 25.91 -41.30 -18.80
C HIS C 134 25.52 -42.77 -18.94
N LYS C 135 25.78 -43.57 -17.91
CA LYS C 135 25.44 -45.00 -17.94
C LYS C 135 23.95 -45.19 -18.18
N TRP C 136 23.14 -44.48 -17.39
CA TRP C 136 21.70 -44.62 -17.42
C TRP C 136 21.10 -44.13 -18.74
N LEU C 137 21.68 -43.06 -19.26
CA LEU C 137 21.12 -42.34 -20.40
C LEU C 137 21.52 -42.92 -21.76
N GLU C 138 22.75 -43.40 -21.89
CA GLU C 138 23.30 -43.78 -23.19
C GLU C 138 22.53 -44.92 -23.85
N GLY C 139 21.92 -45.77 -23.04
CA GLY C 139 21.17 -46.89 -23.57
C GLY C 139 19.80 -46.48 -24.07
N ARG C 140 19.17 -45.56 -23.36
CA ARG C 140 17.78 -45.20 -23.59
C ARG C 140 17.62 -44.03 -24.57
N ILE C 141 18.70 -43.30 -24.81
CA ILE C 141 18.65 -42.11 -25.64
C ILE C 141 18.98 -42.41 -27.10
N LYS C 142 19.43 -43.63 -27.37
CA LYS C 142 19.80 -44.01 -28.72
C LYS C 142 18.61 -43.90 -29.66
N GLY C 143 18.79 -43.14 -30.74
CA GLY C 143 17.74 -42.94 -31.73
C GLY C 143 16.97 -41.66 -31.50
N LYS C 144 17.01 -41.15 -30.28
CA LYS C 144 16.26 -39.97 -29.90
C LYS C 144 17.09 -38.69 -29.88
N GLU C 145 18.35 -38.78 -30.27
CA GLU C 145 19.25 -37.63 -30.17
C GLU C 145 18.77 -36.38 -30.92
N ASN C 146 18.03 -36.54 -32.00
CA ASN C 146 17.51 -35.39 -32.75
C ASN C 146 16.32 -34.74 -32.04
N GLU C 147 15.60 -35.51 -31.24
CA GLU C 147 14.51 -34.97 -30.47
C GLU C 147 15.06 -34.11 -29.34
N VAL C 148 16.26 -34.46 -28.86
CA VAL C 148 16.94 -33.70 -27.81
C VAL C 148 17.46 -32.38 -28.37
N ARG C 149 18.05 -32.43 -29.56
CA ARG C 149 18.55 -31.24 -30.21
C ARG C 149 17.40 -30.25 -30.50
N LEU C 150 16.21 -30.77 -30.73
CA LEU C 150 15.05 -29.91 -30.96
C LEU C 150 14.68 -29.16 -29.68
N LEU C 151 14.61 -29.88 -28.56
CA LEU C 151 14.25 -29.28 -27.27
C LEU C 151 15.28 -28.25 -26.84
N LYS C 152 16.57 -28.58 -26.98
CA LYS C 152 17.62 -27.65 -26.61
C LYS C 152 17.55 -26.38 -27.45
N GLY C 153 17.52 -26.53 -28.77
CA GLY C 153 17.46 -25.38 -29.66
C GLY C 153 16.22 -24.53 -29.43
N PHE C 154 15.14 -25.20 -29.06
CA PHE C 154 13.88 -24.52 -28.77
C PHE C 154 14.04 -23.63 -27.54
N LEU C 155 14.72 -24.17 -26.54
CA LEU C 155 14.96 -23.45 -25.29
C LEU C 155 15.99 -22.35 -25.51
N LYS C 156 17.07 -22.70 -26.20
CA LYS C 156 18.18 -21.79 -26.43
C LYS C 156 17.78 -20.54 -27.20
N ALA C 157 16.87 -20.71 -28.15
CA ALA C 157 16.39 -19.60 -28.96
C ALA C 157 15.58 -18.63 -28.10
N ASN C 158 14.97 -19.15 -27.04
CA ASN C 158 14.21 -18.34 -26.10
C ASN C 158 15.00 -17.99 -24.85
N GLY C 159 16.28 -18.37 -24.86
CA GLY C 159 17.20 -17.91 -23.83
C GLY C 159 17.00 -18.53 -22.46
N ILE C 160 16.19 -19.58 -22.37
CA ILE C 160 16.01 -20.29 -21.11
C ILE C 160 16.79 -21.61 -21.09
N TYR C 161 17.74 -21.77 -22.01
CA TYR C 161 18.60 -22.95 -21.99
C TYR C 161 19.80 -22.69 -21.08
N GLY C 162 20.16 -23.67 -20.25
CA GLY C 162 21.27 -23.55 -19.32
C GLY C 162 20.80 -23.48 -17.89
N ALA C 163 21.54 -24.12 -16.98
CA ALA C 163 21.17 -24.16 -15.57
C ALA C 163 21.91 -23.16 -14.69
N GLU C 164 22.87 -22.43 -15.25
CA GLU C 164 23.68 -21.52 -14.45
C GLU C 164 22.84 -20.36 -13.95
N TYR C 165 23.44 -19.49 -13.15
CA TYR C 165 22.69 -18.42 -12.51
C TYR C 165 22.40 -17.25 -13.44
N LYS C 166 23.11 -17.19 -14.57
CA LYS C 166 22.87 -16.15 -15.55
C LYS C 166 21.56 -16.43 -16.31
N VAL C 167 21.04 -17.65 -16.16
CA VAL C 167 19.87 -18.11 -16.92
C VAL C 167 18.78 -18.70 -16.02
N ARG C 168 19.18 -19.65 -15.18
CA ARG C 168 18.25 -20.38 -14.31
C ARG C 168 17.22 -21.15 -15.15
N GLY C 169 17.72 -21.83 -16.17
CA GLY C 169 16.89 -22.61 -17.08
C GLY C 169 17.10 -24.11 -16.98
N PHE C 170 16.86 -24.80 -18.09
CA PHE C 170 16.98 -26.25 -18.15
C PHE C 170 18.40 -26.71 -18.47
N SER C 171 18.97 -27.54 -17.61
CA SER C 171 20.28 -28.13 -17.89
C SER C 171 20.11 -29.11 -19.03
N GLY C 172 21.19 -29.36 -19.77
CA GLY C 172 21.15 -30.27 -20.89
C GLY C 172 20.80 -31.69 -20.49
N TYR C 173 21.08 -32.04 -19.24
CA TYR C 173 20.75 -33.36 -18.71
C TYR C 173 19.25 -33.47 -18.49
N LEU C 174 18.63 -32.36 -18.10
CA LEU C 174 17.20 -32.32 -17.90
C LEU C 174 16.45 -32.48 -19.22
N CYS C 175 17.06 -31.96 -20.29
CA CYS C 175 16.45 -32.09 -21.61
C CYS C 175 16.41 -33.54 -22.04
N GLU C 176 17.50 -34.26 -21.84
CA GLU C 176 17.57 -35.65 -22.24
C GLU C 176 16.65 -36.50 -21.39
N LEU C 177 16.50 -36.13 -20.11
CA LEU C 177 15.61 -36.86 -19.23
C LEU C 177 14.17 -36.64 -19.59
N LEU C 178 13.88 -35.57 -20.32
CA LEU C 178 12.52 -35.30 -20.77
C LEU C 178 12.20 -36.08 -22.04
N ILE C 179 13.14 -36.09 -22.98
CA ILE C 179 12.96 -36.81 -24.23
C ILE C 179 12.85 -38.31 -23.97
N VAL C 180 13.54 -38.81 -22.96
CA VAL C 180 13.42 -40.21 -22.59
C VAL C 180 12.03 -40.44 -21.98
N PHE C 181 11.52 -39.44 -21.28
CA PHE C 181 10.26 -39.57 -20.55
C PHE C 181 9.03 -39.43 -21.43
N TYR C 182 9.09 -38.48 -22.36
CA TYR C 182 7.99 -38.20 -23.27
C TYR C 182 8.24 -38.70 -24.70
N GLY C 183 9.45 -39.17 -24.97
CA GLY C 183 9.72 -39.87 -26.22
C GLY C 183 10.09 -38.98 -27.39
N SER C 184 9.64 -37.74 -27.37
CA SER C 184 9.90 -36.82 -28.48
C SER C 184 9.73 -35.36 -28.07
N PHE C 185 10.25 -34.46 -28.90
CA PHE C 185 10.11 -33.04 -28.64
C PHE C 185 8.64 -32.66 -28.65
N LEU C 186 7.91 -33.14 -29.66
CA LEU C 186 6.50 -32.79 -29.80
C LEU C 186 5.69 -33.22 -28.59
N GLU C 187 5.95 -34.42 -28.08
CA GLU C 187 5.22 -34.92 -26.92
C GLU C 187 5.63 -34.18 -25.65
N THR C 188 6.89 -33.79 -25.56
CA THR C 188 7.37 -33.05 -24.40
C THR C 188 6.66 -31.70 -24.34
N VAL C 189 6.52 -31.06 -25.50
CA VAL C 189 5.86 -29.77 -25.59
C VAL C 189 4.37 -29.87 -25.23
N LYS C 190 3.70 -30.92 -25.72
CA LYS C 190 2.27 -31.09 -25.46
C LYS C 190 1.96 -31.20 -23.98
N ASN C 191 2.58 -32.16 -23.31
CA ASN C 191 2.31 -32.41 -21.90
C ASN C 191 2.80 -31.28 -21.00
N ALA C 192 3.80 -30.55 -21.47
CA ALA C 192 4.40 -29.48 -20.67
C ALA C 192 3.49 -28.26 -20.54
N ARG C 193 2.37 -28.26 -21.27
CA ARG C 193 1.39 -27.20 -21.17
C ARG C 193 0.52 -27.39 -19.95
N ARG C 194 0.47 -28.63 -19.45
CA ARG C 194 -0.30 -28.95 -18.25
C ARG C 194 0.60 -29.02 -17.00
N TRP C 195 1.87 -28.68 -17.16
CA TRP C 195 2.76 -28.57 -16.00
C TRP C 195 2.26 -27.47 -15.08
N THR C 196 2.29 -27.72 -13.76
CA THR C 196 2.06 -26.69 -12.77
C THR C 196 3.34 -26.51 -11.94
N ARG C 197 3.30 -25.62 -10.96
CA ARG C 197 4.48 -25.36 -10.14
C ARG C 197 4.68 -26.48 -9.10
N ARG C 198 3.70 -27.37 -8.99
CA ARG C 198 3.74 -28.49 -8.06
C ARG C 198 4.01 -29.83 -8.76
N THR C 199 4.28 -29.79 -10.07
CA THR C 199 4.51 -31.00 -10.85
C THR C 199 5.80 -31.73 -10.45
N VAL C 200 5.67 -33.04 -10.22
CA VAL C 200 6.81 -33.90 -9.95
C VAL C 200 6.96 -34.95 -11.06
N ILE C 201 8.05 -34.88 -11.82
CA ILE C 201 8.32 -35.87 -12.87
C ILE C 201 9.39 -36.88 -12.44
N ASP C 202 8.96 -38.11 -12.16
CA ASP C 202 9.87 -39.21 -11.79
C ASP C 202 10.11 -40.12 -13.00
N VAL C 203 11.28 -40.01 -13.62
CA VAL C 203 11.54 -40.75 -14.84
C VAL C 203 11.70 -42.22 -14.53
N ALA C 204 12.35 -42.49 -13.40
CA ALA C 204 12.68 -43.86 -12.98
C ALA C 204 11.43 -44.73 -12.85
N LYS C 205 10.38 -44.18 -12.24
CA LYS C 205 9.15 -44.94 -12.03
C LYS C 205 8.10 -44.72 -13.14
N GLY C 206 8.44 -43.92 -14.14
CA GLY C 206 7.52 -43.65 -15.24
C GLY C 206 6.25 -42.95 -14.80
N GLU C 207 6.35 -42.23 -13.68
CA GLU C 207 5.19 -41.63 -13.03
C GLU C 207 5.25 -40.10 -13.05
N VAL C 208 4.08 -39.47 -13.12
CA VAL C 208 3.96 -38.04 -12.86
C VAL C 208 3.02 -37.84 -11.69
N ARG C 209 3.51 -37.20 -10.64
CA ARG C 209 2.69 -36.90 -9.47
C ARG C 209 2.72 -35.41 -9.11
N LYS C 210 2.11 -35.07 -7.98
CA LYS C 210 2.05 -33.69 -7.50
C LYS C 210 2.90 -33.55 -6.24
N GLY C 211 3.36 -32.35 -5.94
CA GLY C 211 4.30 -32.17 -4.84
C GLY C 211 4.42 -30.75 -4.32
N GLU C 212 5.52 -30.48 -3.64
CA GLU C 212 5.76 -29.18 -3.04
C GLU C 212 6.17 -28.15 -4.10
N GLU C 213 7.19 -28.49 -4.90
CA GLU C 213 7.70 -27.61 -5.95
C GLU C 213 7.90 -28.40 -7.24
N PHE C 214 8.20 -27.69 -8.33
CA PHE C 214 8.55 -28.36 -9.58
C PHE C 214 9.81 -29.18 -9.38
N PHE C 215 9.68 -30.49 -9.57
CA PHE C 215 10.72 -31.43 -9.19
C PHE C 215 10.89 -32.52 -10.25
N VAL C 216 12.05 -32.55 -10.90
CA VAL C 216 12.41 -33.66 -11.78
C VAL C 216 13.40 -34.57 -11.06
N VAL C 217 12.96 -35.80 -10.79
CA VAL C 217 13.75 -36.74 -10.00
C VAL C 217 14.82 -37.44 -10.85
N ASP C 218 16.06 -37.41 -10.38
CA ASP C 218 17.17 -38.04 -11.07
C ASP C 218 17.02 -39.57 -11.00
N PRO C 219 17.10 -40.26 -12.15
CA PRO C 219 17.02 -41.73 -12.10
C PRO C 219 18.13 -42.34 -11.25
N VAL C 220 19.27 -41.66 -11.23
CA VAL C 220 20.43 -42.09 -10.46
C VAL C 220 20.28 -41.73 -8.99
N ASP C 221 19.56 -40.63 -8.74
CA ASP C 221 19.45 -40.07 -7.39
C ASP C 221 18.03 -39.59 -7.07
N GLU C 222 17.35 -40.22 -6.12
CA GLU C 222 15.93 -39.92 -5.89
C GLU C 222 15.71 -38.61 -5.13
N LYS C 223 16.71 -38.18 -4.36
CA LYS C 223 16.58 -36.96 -3.54
C LYS C 223 17.19 -35.75 -4.25
N ARG C 224 17.56 -35.95 -5.52
CA ARG C 224 18.12 -34.90 -6.36
C ARG C 224 17.12 -34.35 -7.36
N ASN C 225 16.95 -33.03 -7.31
CA ASN C 225 16.11 -32.32 -8.26
C ASN C 225 16.98 -31.85 -9.42
N VAL C 226 16.75 -32.38 -10.61
CA VAL C 226 17.55 -32.00 -11.77
C VAL C 226 17.23 -30.57 -12.15
N ALA C 227 15.98 -30.18 -11.91
CA ALA C 227 15.46 -28.85 -12.27
C ALA C 227 15.56 -27.87 -11.11
N ALA C 228 16.37 -28.19 -10.11
CA ALA C 228 16.47 -27.39 -8.89
C ALA C 228 16.69 -25.88 -9.14
N ASN C 229 17.57 -25.56 -10.07
CA ASN C 229 17.95 -24.17 -10.32
C ASN C 229 17.09 -23.48 -11.38
N LEU C 230 16.06 -24.18 -11.88
CA LEU C 230 15.09 -23.60 -12.81
C LEU C 230 14.15 -22.70 -12.03
N SER C 231 14.16 -21.40 -12.34
CA SER C 231 13.33 -20.43 -11.63
C SER C 231 11.86 -20.63 -11.96
N LEU C 232 10.98 -20.17 -11.07
CA LEU C 232 9.55 -20.28 -11.32
C LEU C 232 9.14 -19.48 -12.56
N ASP C 233 9.83 -18.37 -12.79
CA ASP C 233 9.54 -17.52 -13.96
C ASP C 233 9.91 -18.19 -15.27
N ASN C 234 11.08 -18.82 -15.33
CA ASN C 234 11.48 -19.55 -16.52
C ASN C 234 10.69 -20.84 -16.69
N LEU C 235 10.23 -21.42 -15.58
CA LEU C 235 9.32 -22.55 -15.67
C LEU C 235 8.05 -22.09 -16.37
N ALA C 236 7.54 -20.94 -15.94
CA ALA C 236 6.31 -20.38 -16.51
C ALA C 236 6.48 -19.97 -17.97
N ARG C 237 7.62 -19.39 -18.30
CA ARG C 237 7.87 -18.95 -19.66
C ARG C 237 7.86 -20.12 -20.63
N PHE C 238 8.41 -21.26 -20.21
CA PHE C 238 8.42 -22.45 -21.03
C PHE C 238 7.02 -22.99 -21.27
N VAL C 239 6.29 -23.20 -20.17
CA VAL C 239 4.89 -23.65 -20.24
C VAL C 239 4.09 -22.78 -21.18
N HIS C 240 4.30 -21.47 -21.11
CA HIS C 240 3.57 -20.53 -21.95
C HIS C 240 3.98 -20.67 -23.41
N LEU C 241 5.28 -20.78 -23.67
CA LEU C 241 5.77 -20.89 -25.05
C LEU C 241 5.28 -22.17 -25.70
N CYS C 242 5.09 -23.20 -24.88
CA CYS C 242 4.57 -24.47 -25.38
C CYS C 242 3.12 -24.33 -25.80
N ARG C 243 2.34 -23.61 -25.02
CA ARG C 243 0.94 -23.38 -25.36
C ARG C 243 0.84 -22.54 -26.62
N GLU C 244 1.76 -21.59 -26.77
CA GLU C 244 1.74 -20.70 -27.91
C GLU C 244 2.29 -21.37 -29.17
N PHE C 245 3.06 -22.44 -28.98
CA PHE C 245 3.61 -23.16 -30.12
C PHE C 245 2.53 -24.04 -30.73
N MET C 246 1.83 -24.80 -29.89
CA MET C 246 0.80 -25.71 -30.36
C MET C 246 -0.35 -24.97 -31.02
N GLU C 247 -0.71 -23.82 -30.44
CA GLU C 247 -1.80 -23.02 -30.98
C GLU C 247 -1.47 -22.51 -32.38
N ALA C 248 -0.26 -22.00 -32.56
CA ALA C 248 0.18 -21.46 -33.84
C ALA C 248 1.66 -21.72 -34.06
N PRO C 249 2.01 -22.94 -34.48
CA PRO C 249 3.41 -23.31 -34.68
C PRO C 249 4.12 -22.39 -35.68
N SER C 250 5.42 -22.19 -35.46
CA SER C 250 6.23 -21.34 -36.31
C SER C 250 7.70 -21.72 -36.20
N LEU C 251 8.50 -21.32 -37.19
CA LEU C 251 9.93 -21.59 -37.17
C LEU C 251 10.68 -20.47 -36.45
N GLY C 252 9.94 -19.45 -36.01
CA GLY C 252 10.54 -18.33 -35.31
C GLY C 252 10.87 -18.72 -33.88
N PHE C 253 10.20 -19.76 -33.40
CA PHE C 253 10.41 -20.24 -32.04
C PHE C 253 11.81 -20.83 -31.88
N PHE C 254 12.40 -21.24 -32.99
CA PHE C 254 13.73 -21.83 -32.97
C PHE C 254 14.82 -20.84 -33.41
N LYS C 255 14.42 -19.60 -33.71
CA LYS C 255 15.39 -18.58 -34.14
C LYS C 255 15.75 -17.66 -32.98
N PRO C 256 17.04 -17.54 -32.65
CA PRO C 256 17.46 -16.60 -31.60
C PRO C 256 17.08 -15.16 -31.90
N LYS C 257 16.61 -14.44 -30.88
CA LYS C 257 16.17 -13.05 -31.04
C LYS C 257 17.20 -12.08 -30.47
N HIS C 258 17.98 -11.45 -31.34
CA HIS C 258 19.00 -10.51 -30.87
C HIS C 258 18.36 -9.17 -30.51
N PRO C 259 18.94 -8.45 -29.52
CA PRO C 259 18.43 -7.12 -29.19
C PRO C 259 18.60 -6.13 -30.33
N LEU C 260 17.87 -5.02 -30.28
CA LEU C 260 17.84 -4.07 -31.37
C LEU C 260 18.39 -2.71 -30.97
N GLU C 261 18.97 -2.00 -31.94
CA GLU C 261 19.55 -0.70 -31.69
C GLU C 261 18.43 0.31 -31.50
N ILE C 262 18.36 0.89 -30.29
CA ILE C 262 17.31 1.87 -29.99
C ILE C 262 17.97 3.24 -29.84
N GLU C 263 17.49 4.20 -30.62
CA GLU C 263 18.02 5.55 -30.59
C GLU C 263 17.82 6.16 -29.21
N PRO C 264 18.81 6.93 -28.72
CA PRO C 264 18.67 7.52 -27.38
C PRO C 264 17.51 8.52 -27.31
N GLU C 265 17.01 8.95 -28.47
CA GLU C 265 15.90 9.87 -28.54
C GLU C 265 14.55 9.18 -28.35
N ARG C 266 14.35 8.04 -28.99
CA ARG C 266 13.09 7.32 -28.88
C ARG C 266 12.90 6.89 -27.43
N LEU C 267 14.00 6.49 -26.82
CA LEU C 267 13.97 6.02 -25.44
C LEU C 267 13.55 7.14 -24.49
N ARG C 268 14.07 8.34 -24.70
CA ARG C 268 13.70 9.50 -23.89
C ARG C 268 12.19 9.78 -24.00
N LYS C 269 11.65 9.60 -25.20
CA LYS C 269 10.23 9.84 -25.44
C LYS C 269 9.38 8.83 -24.71
N ILE C 270 9.85 7.58 -24.64
CA ILE C 270 9.12 6.54 -23.95
C ILE C 270 9.04 6.84 -22.46
N VAL C 271 10.17 7.13 -21.84
CA VAL C 271 10.22 7.41 -20.41
C VAL C 271 9.37 8.64 -20.10
N GLU C 272 9.41 9.62 -20.99
CA GLU C 272 8.61 10.83 -20.84
C GLU C 272 7.14 10.47 -20.89
N GLU C 273 6.79 9.63 -21.86
CA GLU C 273 5.40 9.23 -22.03
C GLU C 273 4.94 8.37 -20.86
N ARG C 274 5.88 7.66 -20.25
CA ARG C 274 5.60 6.83 -19.09
C ARG C 274 5.48 7.69 -17.83
N GLY C 275 6.29 8.74 -17.77
CA GLY C 275 6.23 9.66 -16.65
C GLY C 275 6.74 8.99 -15.40
N THR C 276 7.73 8.12 -15.57
CA THR C 276 8.32 7.37 -14.46
C THR C 276 9.76 7.81 -14.22
N ALA C 277 10.26 7.57 -13.01
CA ALA C 277 11.65 7.84 -12.68
C ALA C 277 12.51 6.64 -13.05
N VAL C 278 13.40 6.82 -14.03
CA VAL C 278 14.28 5.76 -14.49
C VAL C 278 15.73 6.14 -14.25
N PHE C 279 16.39 5.37 -13.40
CA PHE C 279 17.77 5.63 -13.03
C PHE C 279 18.53 4.32 -12.87
N ALA C 280 19.86 4.41 -12.79
CA ALA C 280 20.69 3.23 -12.67
C ALA C 280 21.82 3.46 -11.67
N VAL C 281 22.24 2.41 -10.98
CA VAL C 281 23.39 2.46 -10.08
C VAL C 281 24.59 1.83 -10.76
N LYS C 282 25.58 2.66 -11.09
CA LYS C 282 26.78 2.22 -11.81
C LYS C 282 27.94 2.05 -10.84
N PHE C 283 28.66 0.94 -10.96
CA PHE C 283 29.85 0.71 -10.14
C PHE C 283 30.82 -0.22 -10.87
N ARG C 284 32.06 -0.28 -10.38
CA ARG C 284 33.08 -1.14 -10.97
C ARG C 284 32.67 -2.61 -10.84
N LYS C 285 32.76 -3.37 -11.92
CA LYS C 285 32.41 -4.79 -11.85
C LYS C 285 33.46 -5.55 -11.03
N PRO C 286 33.03 -6.24 -9.96
CA PRO C 286 33.99 -7.07 -9.24
C PRO C 286 34.56 -8.14 -10.17
N ASP C 287 35.85 -8.45 -10.05
CA ASP C 287 36.44 -9.45 -10.93
C ASP C 287 36.22 -10.83 -10.32
N ILE C 288 35.14 -11.46 -10.75
CA ILE C 288 34.73 -12.76 -10.23
C ILE C 288 33.92 -13.48 -11.30
N VAL C 289 33.83 -14.80 -11.18
CA VAL C 289 33.13 -15.61 -12.18
C VAL C 289 31.65 -15.26 -12.17
N ASP C 290 31.00 -15.48 -13.32
CA ASP C 290 29.61 -15.10 -13.51
C ASP C 290 28.67 -15.75 -12.50
N ASP C 291 28.98 -16.98 -12.11
CA ASP C 291 28.11 -17.70 -11.19
C ASP C 291 28.20 -17.14 -9.77
N ASN C 292 29.23 -16.36 -9.48
CA ASN C 292 29.32 -15.63 -8.21
C ASN C 292 28.82 -14.18 -8.33
N LEU C 293 28.75 -13.68 -9.56
CA LEU C 293 28.35 -12.30 -9.79
C LEU C 293 26.82 -12.15 -9.83
N TYR C 294 26.18 -12.93 -10.68
CA TYR C 294 24.75 -12.73 -10.97
C TYR C 294 23.84 -12.98 -9.77
N PRO C 295 24.16 -13.98 -8.94
CA PRO C 295 23.37 -14.10 -7.70
C PRO C 295 23.46 -12.86 -6.81
N GLN C 296 24.58 -12.14 -6.87
CA GLN C 296 24.78 -10.94 -6.05
C GLN C 296 24.09 -9.75 -6.67
N LEU C 297 24.12 -9.65 -7.99
CA LEU C 297 23.42 -8.58 -8.68
C LEU C 297 21.93 -8.72 -8.39
N GLU C 298 21.44 -9.95 -8.37
CA GLU C 298 20.06 -10.22 -8.00
C GLU C 298 19.82 -9.77 -6.56
N ARG C 299 20.71 -10.16 -5.65
CA ARG C 299 20.55 -9.81 -4.25
C ARG C 299 20.63 -8.30 -4.05
N ALA C 300 21.59 -7.67 -4.71
CA ALA C 300 21.76 -6.23 -4.60
C ALA C 300 20.54 -5.52 -5.16
N SER C 301 20.08 -5.99 -6.31
CA SER C 301 18.94 -5.39 -7.00
C SER C 301 17.68 -5.50 -6.15
N ARG C 302 17.49 -6.66 -5.53
CA ARG C 302 16.31 -6.90 -4.71
C ARG C 302 16.33 -6.00 -3.48
N LYS C 303 17.49 -5.90 -2.84
CA LYS C 303 17.63 -5.13 -1.61
C LYS C 303 17.31 -3.65 -1.82
N ILE C 304 17.79 -3.09 -2.92
CA ILE C 304 17.52 -1.69 -3.28
C ILE C 304 16.05 -1.53 -3.70
N PHE C 305 15.53 -2.55 -4.36
CA PHE C 305 14.15 -2.55 -4.79
C PHE C 305 13.22 -2.53 -3.59
N GLU C 306 13.45 -3.44 -2.65
CA GLU C 306 12.64 -3.56 -1.45
C GLU C 306 12.65 -2.25 -0.68
N PHE C 307 13.78 -1.55 -0.72
CA PHE C 307 13.91 -0.26 -0.06
C PHE C 307 13.01 0.79 -0.69
N LEU C 308 13.09 0.91 -2.02
CA LEU C 308 12.26 1.85 -2.76
C LEU C 308 10.79 1.57 -2.48
N GLU C 309 10.46 0.29 -2.34
CA GLU C 309 9.10 -0.15 -2.07
C GLU C 309 8.60 0.36 -0.72
N ARG C 310 9.33 0.05 0.35
CA ARG C 310 8.88 0.41 1.69
C ARG C 310 9.04 1.90 1.97
N GLU C 311 9.78 2.59 1.11
CA GLU C 311 9.96 4.03 1.24
C GLU C 311 8.90 4.80 0.44
N ASN C 312 7.91 4.08 -0.07
CA ASN C 312 6.76 4.66 -0.77
C ASN C 312 7.13 5.36 -2.08
N PHE C 313 8.12 4.83 -2.77
CA PHE C 313 8.46 5.33 -4.11
C PHE C 313 7.80 4.50 -5.21
N MET C 314 7.10 3.43 -4.82
CA MET C 314 6.31 2.61 -5.75
C MET C 314 7.11 2.16 -6.97
N PRO C 315 8.05 1.23 -6.75
CA PRO C 315 8.86 0.72 -7.85
C PRO C 315 8.03 -0.15 -8.79
N LEU C 316 8.46 -0.26 -10.05
CA LEU C 316 7.78 -1.10 -11.02
C LEU C 316 8.56 -2.39 -11.24
N ARG C 317 9.74 -2.28 -11.85
CA ARG C 317 10.60 -3.43 -12.10
C ARG C 317 12.06 -3.10 -11.81
N SER C 318 12.90 -4.12 -11.77
CA SER C 318 14.34 -3.93 -11.59
C SER C 318 15.13 -4.91 -12.45
N ALA C 319 16.01 -4.36 -13.27
CA ALA C 319 16.90 -5.17 -14.11
C ALA C 319 18.35 -4.89 -13.74
N PHE C 320 19.28 -5.61 -14.37
CA PHE C 320 20.69 -5.34 -14.19
C PHE C 320 21.50 -5.81 -15.40
N LYS C 321 22.63 -5.14 -15.64
CA LYS C 321 23.49 -5.43 -16.78
C LYS C 321 24.94 -5.42 -16.33
N ALA C 322 25.70 -6.38 -16.82
CA ALA C 322 27.13 -6.44 -16.52
C ALA C 322 27.91 -6.29 -17.82
N SER C 323 28.60 -5.15 -17.96
CA SER C 323 29.48 -4.94 -19.09
C SER C 323 30.86 -5.50 -18.76
N GLU C 324 31.86 -5.15 -19.56
CA GLU C 324 33.19 -5.68 -19.32
C GLU C 324 33.83 -5.01 -18.10
N GLU C 325 33.52 -3.73 -17.89
CA GLU C 325 34.12 -2.94 -16.82
C GLU C 325 33.15 -2.64 -15.66
N PHE C 326 31.97 -2.15 -16.00
CA PHE C 326 31.01 -1.68 -15.00
C PHE C 326 29.79 -2.58 -14.88
N CYS C 327 29.12 -2.51 -13.72
CA CYS C 327 27.82 -3.15 -13.50
C CYS C 327 26.75 -2.09 -13.28
N TYR C 328 25.54 -2.35 -13.76
CA TYR C 328 24.44 -1.40 -13.65
C TYR C 328 23.21 -2.01 -13.00
N LEU C 329 22.73 -1.39 -11.92
CA LEU C 329 21.46 -1.78 -11.31
C LEU C 329 20.37 -0.77 -11.69
N LEU C 330 19.44 -1.20 -12.53
CA LEU C 330 18.41 -0.32 -13.06
C LEU C 330 17.10 -0.45 -12.30
N PHE C 331 16.40 0.68 -12.16
CA PHE C 331 15.10 0.71 -11.48
C PHE C 331 14.13 1.65 -12.20
N GLU C 332 12.84 1.37 -12.08
CA GLU C 332 11.80 2.28 -12.57
C GLU C 332 10.76 2.49 -11.46
N CYS C 333 10.46 3.76 -11.17
CA CYS C 333 9.51 4.10 -10.12
C CYS C 333 8.37 4.97 -10.63
N GLN C 334 7.19 4.81 -10.04
CA GLN C 334 6.03 5.61 -10.40
C GLN C 334 6.10 7.01 -9.79
N ILE C 335 6.82 7.15 -8.69
CA ILE C 335 6.99 8.41 -7.99
C ILE C 335 8.34 9.05 -8.28
N LYS C 336 8.33 10.20 -8.94
CA LYS C 336 9.55 10.97 -9.18
C LYS C 336 9.91 11.80 -7.97
N GLU C 337 8.89 12.29 -7.26
CA GLU C 337 9.09 13.09 -6.07
C GLU C 337 7.94 12.93 -5.08
N ILE C 338 8.27 12.63 -3.83
CA ILE C 338 7.29 12.55 -2.75
C ILE C 338 7.43 13.78 -1.84
N SER C 339 6.45 13.99 -0.98
CA SER C 339 6.46 15.15 -0.11
C SER C 339 7.41 14.94 1.06
N ARG C 340 7.86 16.04 1.65
CA ARG C 340 8.75 15.99 2.80
C ARG C 340 8.04 15.49 4.05
N VAL C 341 6.75 15.77 4.17
CA VAL C 341 5.99 15.37 5.36
C VAL C 341 5.31 14.03 5.16
N PHE C 342 5.22 13.27 6.24
CA PHE C 342 4.38 12.08 6.29
C PHE C 342 3.81 11.95 7.69
N ARG C 343 2.99 10.94 7.91
CA ARG C 343 2.34 10.75 9.19
C ARG C 343 2.74 9.43 9.83
N ARG C 344 3.45 9.51 10.95
CA ARG C 344 3.83 8.33 11.72
C ARG C 344 2.75 8.00 12.75
N MET C 345 2.41 6.73 12.85
CA MET C 345 1.37 6.29 13.76
C MET C 345 1.84 6.37 15.21
N GLY C 346 0.96 6.88 16.07
CA GLY C 346 1.23 6.99 17.49
C GLY C 346 0.41 5.99 18.29
N PRO C 347 0.44 6.12 19.62
CA PRO C 347 -0.31 5.26 20.54
C PRO C 347 -1.78 5.65 20.67
N GLN C 348 -2.62 4.72 21.09
CA GLN C 348 -4.01 5.04 21.34
C GLN C 348 -4.11 5.99 22.52
N PHE C 349 -5.19 6.77 22.57
CA PHE C 349 -5.33 7.80 23.60
C PHE C 349 -5.54 7.17 24.98
N GLU C 350 -5.77 5.87 24.99
CA GLU C 350 -6.12 5.15 26.20
C GLU C 350 -5.01 5.18 27.25
N ASP C 351 -3.92 4.45 27.01
CA ASP C 351 -2.82 4.37 27.97
C ASP C 351 -1.94 5.61 27.89
N GLU C 352 -1.93 6.41 28.95
CA GLU C 352 -1.25 7.70 28.91
C GLU C 352 0.26 7.54 29.15
N ARG C 353 0.67 6.34 29.51
CA ARG C 353 2.10 6.04 29.65
C ARG C 353 2.79 6.21 28.32
N ASN C 354 2.21 5.62 27.28
CA ASN C 354 2.77 5.68 25.94
C ASN C 354 2.43 6.99 25.22
N VAL C 355 1.29 7.58 25.55
CA VAL C 355 0.88 8.84 24.94
C VAL C 355 1.85 9.95 25.30
N LYS C 356 2.18 10.05 26.59
CA LYS C 356 3.04 11.12 27.06
C LYS C 356 4.45 11.01 26.48
N LYS C 357 4.90 9.77 26.29
CA LYS C 357 6.20 9.52 25.68
C LYS C 357 6.20 9.93 24.21
N PHE C 358 5.05 9.78 23.56
CA PHE C 358 4.92 10.10 22.14
C PHE C 358 4.84 11.61 21.91
N LEU C 359 4.15 12.32 22.80
CA LEU C 359 3.97 13.76 22.66
C LEU C 359 5.21 14.53 23.12
N SER C 360 6.05 13.88 23.92
CA SER C 360 7.24 14.52 24.45
C SER C 360 8.24 14.88 23.36
N ARG C 361 8.35 14.01 22.36
CA ARG C 361 9.29 14.22 21.27
C ARG C 361 8.95 15.52 20.56
N ASN C 362 9.93 16.40 20.43
CA ASN C 362 9.73 17.68 19.77
C ASN C 362 9.51 17.51 18.27
N ARG C 363 8.41 18.09 17.78
CA ARG C 363 8.07 18.03 16.36
C ARG C 363 7.65 19.41 15.87
N ALA C 364 7.84 19.65 14.58
CA ALA C 364 7.65 20.98 14.01
C ALA C 364 6.18 21.35 13.75
N PHE C 365 5.33 20.36 13.49
CA PHE C 365 3.93 20.60 13.13
C PHE C 365 2.87 20.08 14.10
N ARG C 366 3.26 19.68 15.32
CA ARG C 366 2.29 19.30 16.34
C ARG C 366 1.52 18.00 15.98
N PRO C 367 1.11 17.22 17.00
CA PRO C 367 0.33 16.00 16.74
C PRO C 367 -1.19 16.21 16.67
N PHE C 368 -1.92 15.14 16.38
CA PHE C 368 -3.39 15.18 16.29
C PHE C 368 -4.00 13.81 16.56
N ILE C 369 -5.26 13.81 16.96
CA ILE C 369 -5.98 12.56 17.26
C ILE C 369 -6.89 12.16 16.10
N GLU C 370 -6.81 10.90 15.70
CA GLU C 370 -7.65 10.36 14.63
C GLU C 370 -8.14 8.94 14.94
N ASN C 371 -9.45 8.76 14.97
CA ASN C 371 -10.06 7.45 15.26
C ASN C 371 -9.56 6.85 16.58
N GLY C 372 -9.44 7.69 17.61
CA GLY C 372 -9.07 7.21 18.93
C GLY C 372 -7.63 6.73 18.94
N ARG C 373 -6.78 7.37 18.14
CA ARG C 373 -5.36 7.07 18.11
C ARG C 373 -4.55 8.30 17.75
N TRP C 374 -3.37 8.43 18.34
CA TRP C 374 -2.53 9.59 18.11
C TRP C 374 -1.71 9.46 16.84
N TRP C 375 -1.52 10.58 16.14
CA TRP C 375 -0.69 10.63 14.94
C TRP C 375 0.17 11.88 14.99
N ALA C 376 1.29 11.87 14.28
CA ALA C 376 2.18 13.04 14.24
C ALA C 376 2.85 13.19 12.88
N PHE C 377 3.02 14.44 12.45
CA PHE C 377 3.72 14.75 11.22
C PHE C 377 5.23 14.76 11.45
N GLU C 378 5.96 14.06 10.57
CA GLU C 378 7.42 14.06 10.61
C GLU C 378 7.98 14.34 9.21
N MET C 379 9.28 14.65 9.13
CA MET C 379 9.90 15.06 7.88
C MET C 379 10.82 13.98 7.31
N ARG C 380 10.74 13.77 6.00
CA ARG C 380 11.64 12.84 5.31
C ARG C 380 13.01 13.48 5.13
N LYS C 381 14.04 12.66 4.96
CA LYS C 381 15.38 13.17 4.68
C LYS C 381 15.70 13.18 3.18
N PHE C 382 14.80 12.64 2.38
CA PHE C 382 14.91 12.69 0.92
C PHE C 382 13.52 12.63 0.28
N THR C 383 13.34 13.37 -0.80
CA THR C 383 12.05 13.44 -1.48
C THR C 383 11.99 12.68 -2.82
N THR C 384 13.12 12.16 -3.28
CA THR C 384 13.16 11.49 -4.59
C THR C 384 13.81 10.10 -4.49
N PRO C 385 13.51 9.21 -5.46
CA PRO C 385 14.09 7.87 -5.43
C PRO C 385 15.62 7.88 -5.48
N GLU C 386 16.19 8.78 -6.28
CA GLU C 386 17.64 8.85 -6.42
C GLU C 386 18.31 9.30 -5.11
N GLU C 387 17.71 10.30 -4.46
CA GLU C 387 18.21 10.75 -3.18
C GLU C 387 18.13 9.60 -2.17
N GLY C 388 17.03 8.86 -2.23
CA GLY C 388 16.81 7.74 -1.34
C GLY C 388 17.81 6.62 -1.55
N VAL C 389 18.05 6.29 -2.82
CA VAL C 389 19.00 5.23 -3.15
C VAL C 389 20.44 5.66 -2.82
N ARG C 390 20.73 6.95 -2.98
CA ARG C 390 22.06 7.46 -2.63
C ARG C 390 22.34 7.22 -1.16
N SER C 391 21.34 7.50 -0.33
CA SER C 391 21.44 7.30 1.10
C SER C 391 21.56 5.82 1.47
N TYR C 392 20.86 4.97 0.73
CA TYR C 392 20.85 3.54 1.01
C TYR C 392 22.12 2.85 0.53
N ALA C 393 22.51 3.12 -0.71
CA ALA C 393 23.68 2.47 -1.29
C ALA C 393 24.97 2.87 -0.57
N SER C 394 24.95 4.05 0.06
CA SER C 394 26.13 4.55 0.75
C SER C 394 26.31 3.89 2.10
N THR C 395 25.23 3.85 2.88
CA THR C 395 25.29 3.32 4.25
C THR C 395 25.16 1.79 4.30
N HIS C 396 24.28 1.23 3.48
CA HIS C 396 23.98 -0.22 3.48
C HIS C 396 24.75 -1.00 2.41
N TRP C 397 25.89 -0.48 1.98
CA TRP C 397 26.73 -1.13 0.98
C TRP C 397 27.00 -2.61 1.30
N HIS C 398 27.12 -2.93 2.58
CA HIS C 398 27.60 -4.25 3.00
C HIS C 398 26.62 -5.39 2.71
N THR C 399 25.33 -5.11 2.73
CA THR C 399 24.33 -6.15 2.59
C THR C 399 23.92 -6.37 1.13
N LEU C 400 24.61 -5.69 0.22
CA LEU C 400 24.32 -5.81 -1.21
C LEU C 400 25.14 -6.94 -1.87
N GLY C 401 25.64 -7.86 -1.05
CA GLY C 401 26.42 -8.98 -1.56
C GLY C 401 27.88 -8.78 -1.26
N LYS C 402 28.59 -9.87 -1.03
CA LYS C 402 29.95 -9.82 -0.54
C LYS C 402 30.82 -8.97 -1.46
N ASN C 403 30.94 -9.38 -2.72
CA ASN C 403 31.83 -8.71 -3.66
C ASN C 403 31.24 -7.44 -4.23
N VAL C 404 29.97 -7.48 -4.62
CA VAL C 404 29.33 -6.32 -5.23
C VAL C 404 29.27 -5.16 -4.25
N GLY C 405 28.85 -5.44 -3.02
CA GLY C 405 28.71 -4.40 -2.01
C GLY C 405 30.02 -3.68 -1.72
N GLU C 406 31.13 -4.40 -1.82
CA GLU C 406 32.44 -3.83 -1.54
C GLU C 406 32.94 -3.00 -2.72
N SER C 407 32.45 -3.29 -3.91
CA SER C 407 32.77 -2.49 -5.08
C SER C 407 31.99 -1.19 -5.07
N ILE C 408 30.84 -1.22 -4.41
CA ILE C 408 29.99 -0.05 -4.28
C ILE C 408 30.53 0.83 -3.16
N ARG C 409 31.14 0.21 -2.17
CA ARG C 409 31.72 0.95 -1.07
C ARG C 409 32.80 1.88 -1.61
N GLU C 410 33.65 1.34 -2.49
CA GLU C 410 34.75 2.11 -3.03
C GLU C 410 34.25 3.20 -3.98
N TYR C 411 33.32 2.86 -4.87
CA TYR C 411 32.74 3.80 -5.83
C TYR C 411 31.39 3.40 -6.40
N PHE C 412 30.50 4.37 -6.52
CA PHE C 412 29.26 4.20 -7.26
C PHE C 412 28.68 5.56 -7.61
N GLU C 413 27.80 5.60 -8.60
CA GLU C 413 27.08 6.83 -8.93
C GLU C 413 25.70 6.48 -9.45
N ILE C 414 24.83 7.47 -9.49
CA ILE C 414 23.47 7.27 -9.98
C ILE C 414 23.23 8.01 -11.31
N ILE C 415 23.15 7.24 -12.38
CA ILE C 415 22.92 7.79 -13.71
C ILE C 415 21.42 7.89 -13.99
N SER C 416 20.96 9.09 -14.34
CA SER C 416 19.53 9.32 -14.55
C SER C 416 19.29 10.12 -15.83
N GLY C 417 18.08 9.99 -16.36
CA GLY C 417 17.65 10.76 -17.51
C GLY C 417 18.33 10.33 -18.80
N GLU C 418 18.69 11.31 -19.62
CA GLU C 418 19.30 11.04 -20.92
C GLU C 418 20.77 10.65 -20.77
N LYS C 419 21.38 10.98 -19.64
CA LYS C 419 22.74 10.58 -19.37
C LYS C 419 22.84 9.05 -19.34
N LEU C 420 21.74 8.42 -18.96
CA LEU C 420 21.68 6.97 -18.80
C LEU C 420 21.55 6.23 -20.14
N PHE C 421 20.80 6.81 -21.07
CA PHE C 421 20.51 6.13 -22.33
C PHE C 421 21.76 6.00 -23.20
N LYS C 422 22.81 6.70 -22.82
CA LYS C 422 24.08 6.66 -23.54
C LYS C 422 25.00 5.57 -23.00
N GLU C 423 24.44 4.71 -22.13
CA GLU C 423 25.17 3.61 -21.51
C GLU C 423 24.71 2.29 -22.14
N PRO C 424 25.52 1.22 -22.02
CA PRO C 424 25.13 -0.04 -22.65
C PRO C 424 24.01 -0.79 -21.92
N VAL C 425 22.96 -0.07 -21.55
CA VAL C 425 21.82 -0.65 -20.84
C VAL C 425 20.51 -0.69 -21.64
N THR C 426 20.54 -0.24 -22.90
CA THR C 426 19.29 -0.05 -23.65
C THR C 426 18.43 -1.31 -23.70
N ALA C 427 19.02 -2.43 -24.08
CA ALA C 427 18.28 -3.68 -24.23
C ALA C 427 17.60 -4.11 -22.93
N GLU C 428 18.22 -3.79 -21.80
CA GLU C 428 17.65 -4.14 -20.50
C GLU C 428 16.51 -3.20 -20.14
N LEU C 429 16.62 -1.94 -20.58
CA LEU C 429 15.60 -0.94 -20.31
C LEU C 429 14.32 -1.27 -21.06
N CYS C 430 14.46 -1.71 -22.31
CA CYS C 430 13.30 -2.06 -23.11
C CYS C 430 12.62 -3.31 -22.57
N GLU C 431 13.41 -4.31 -22.21
CA GLU C 431 12.88 -5.54 -21.62
C GLU C 431 12.19 -5.25 -20.29
N MET C 432 12.76 -4.30 -19.56
CA MET C 432 12.23 -3.90 -18.26
C MET C 432 10.90 -3.16 -18.37
N MET C 433 10.80 -2.29 -19.37
CA MET C 433 9.61 -1.45 -19.56
C MET C 433 8.60 -2.10 -20.50
N GLY C 434 8.97 -3.20 -21.14
CA GLY C 434 8.06 -3.92 -22.01
C GLY C 434 7.86 -3.24 -23.35
N VAL C 435 8.90 -2.57 -23.83
CA VAL C 435 8.87 -1.90 -25.12
C VAL C 435 8.70 -2.92 -26.24
N LYS C 436 7.76 -2.64 -27.15
CA LYS C 436 7.48 -3.53 -28.27
C LYS C 436 8.43 -3.29 -29.44
N ASP C 437 8.69 -4.34 -30.20
CA ASP C 437 9.48 -4.26 -31.43
C ASP C 437 10.89 -3.74 -31.14
N SER C 438 11.45 -4.20 -30.02
CA SER C 438 12.82 -3.88 -29.64
C SER C 438 13.73 -5.09 -29.87
N ASN C 439 13.17 -6.14 -30.47
CA ASN C 439 13.89 -7.40 -30.69
C ASN C 439 13.60 -7.94 -32.09
N SER C 440 14.62 -8.54 -32.71
CA SER C 440 14.48 -9.08 -34.05
C SER C 440 15.17 -10.43 -34.18
N SER C 441 14.49 -11.35 -34.86
CA SER C 441 15.03 -12.68 -35.15
C SER C 441 15.64 -12.70 -36.54
N SER C 442 15.91 -11.53 -37.09
CA SER C 442 16.46 -11.41 -38.44
C SER C 442 17.91 -11.87 -38.52
N VAL C 443 18.22 -12.61 -39.58
CA VAL C 443 19.59 -13.09 -39.83
C VAL C 443 20.32 -12.13 -40.78
#